data_6B8S
#
_entry.id   6B8S
#
_cell.length_a   49.440
_cell.length_b   69.080
_cell.length_c   100.100
_cell.angle_alpha   90.000
_cell.angle_beta   98.060
_cell.angle_gamma   90.000
#
_symmetry.space_group_name_H-M   'P 1 21 1'
#
loop_
_entity.id
_entity.type
_entity.pdbx_description
1 polymer 'Dihydroorotate dehydrogenase (quinone)'
2 non-polymer 'FLAVIN MONONUCLEOTIDE'
3 non-polymer 'TRIETHYLENE GLYCOL'
4 water water
#
_entity_poly.entity_id   1
_entity_poly.type   'polypeptide(L)'
_entity_poly.pdbx_seq_one_letter_code
;MAHHHHHHMLYPLVKKYLFSLDAEDAHEKVCKILRTLSKSSFLCSLIHSQWGYKNPKLENEILGLNFPNPLGLAAGFDKN
ASMLRALIAFGFGYLEAGTLTNEAQVGNERPRLFRHIEEESLQNAMGFNNYGAVLGARSFNRFAPYKTPIGINLGKNKHI
EQAHALEDYKAVLNQCLNIGDYYTFNLSSPNTPNLRDLQNKAFVNELFCMAKEMTHKPLFLKIAPDLEIDDMLEIVNSAI
EAGAHGIIATNTTIDKSLVFAPKEMGGLSGKCLTKKSREVFKELAKAFFNKSVLVSVGGISDAKEAYERIKMGASLLQIY
SAFIYNGPNLCQNILKDLVKLLQKDGFLSVKEAIGADLR
;
_entity_poly.pdbx_strand_id   A,B
#
loop_
_chem_comp.id
_chem_comp.type
_chem_comp.name
_chem_comp.formula
FMN non-polymer 'FLAVIN MONONUCLEOTIDE' 'C17 H21 N4 O9 P'
PGE non-polymer 'TRIETHYLENE GLYCOL' 'C6 H14 O4'
#
# COMPACT_ATOMS: atom_id res chain seq x y z
N LEU A 10 -23.01 -14.19 43.44
CA LEU A 10 -22.65 -15.29 42.56
C LEU A 10 -22.92 -14.95 41.08
N TYR A 11 -21.93 -15.24 40.26
CA TYR A 11 -22.11 -15.06 38.83
C TYR A 11 -23.33 -15.79 38.28
N PRO A 12 -23.72 -16.99 38.74
CA PRO A 12 -24.93 -17.62 38.18
C PRO A 12 -26.16 -16.74 38.24
N LEU A 13 -26.29 -15.91 39.28
CA LEU A 13 -27.42 -14.99 39.35
C LEU A 13 -27.26 -13.85 38.37
N VAL A 14 -26.02 -13.39 38.17
CA VAL A 14 -25.77 -12.35 37.18
C VAL A 14 -26.06 -12.89 35.78
N LYS A 15 -25.64 -14.13 35.51
CA LYS A 15 -25.92 -14.74 34.20
C LYS A 15 -27.42 -14.91 33.96
N LYS A 16 -28.16 -15.32 34.99
CA LYS A 16 -29.60 -15.50 34.79
C LYS A 16 -30.27 -14.18 34.42
N TYR A 17 -29.86 -13.09 35.07
CA TYR A 17 -30.37 -11.78 34.70
C TYR A 17 -29.91 -11.39 33.30
N LEU A 18 -28.60 -11.37 33.08
CA LEU A 18 -28.06 -10.95 31.79
C LEU A 18 -28.61 -11.79 30.64
N PHE A 19 -28.67 -13.12 30.81
CA PHE A 19 -29.13 -13.99 29.72
C PHE A 19 -30.61 -13.81 29.42
N SER A 20 -31.38 -13.19 30.32
CA SER A 20 -32.77 -12.90 30.00
C SER A 20 -32.89 -11.64 29.13
N LEU A 21 -31.81 -10.88 28.98
CA LEU A 21 -31.77 -9.66 28.20
C LEU A 21 -31.21 -9.95 26.81
N ASP A 22 -31.49 -9.05 25.87
CA ASP A 22 -30.79 -9.04 24.60
C ASP A 22 -29.28 -9.01 24.84
N ALA A 23 -28.53 -9.75 24.02
CA ALA A 23 -27.12 -10.01 24.35
C ALA A 23 -26.28 -8.75 24.28
N GLU A 24 -26.57 -7.87 23.32
CA GLU A 24 -25.79 -6.64 23.23
C GLU A 24 -26.18 -5.66 24.34
N ASP A 25 -27.47 -5.57 24.66
CA ASP A 25 -27.92 -4.82 25.84
C ASP A 25 -27.19 -5.26 27.10
N ALA A 26 -27.07 -6.58 27.30
CA ALA A 26 -26.35 -7.10 28.46
C ALA A 26 -24.90 -6.66 28.44
N HIS A 27 -24.24 -6.75 27.27
CA HIS A 27 -22.85 -6.35 27.13
C HIS A 27 -22.67 -4.88 27.47
N GLU A 28 -23.60 -4.03 27.05
CA GLU A 28 -23.49 -2.60 27.33
C GLU A 28 -23.70 -2.31 28.82
N LYS A 29 -24.56 -3.06 29.50
CA LYS A 29 -24.68 -2.89 30.93
C LYS A 29 -23.40 -3.30 31.64
N VAL A 30 -22.70 -4.31 31.09
CA VAL A 30 -21.44 -4.74 31.69
C VAL A 30 -20.35 -3.71 31.40
N CYS A 31 -20.33 -3.17 30.19
CA CYS A 31 -19.32 -2.17 29.85
C CYS A 31 -19.49 -0.93 30.72
N LYS A 32 -20.73 -0.52 30.97
CA LYS A 32 -20.99 0.64 31.81
C LYS A 32 -20.41 0.45 33.20
N ILE A 33 -20.63 -0.74 33.79
CA ILE A 33 -20.07 -1.03 35.12
C ILE A 33 -18.54 -1.10 35.06
N LEU A 34 -17.99 -1.68 33.99
CA LEU A 34 -16.54 -1.78 33.88
C LEU A 34 -15.91 -0.39 33.71
N ARG A 35 -16.54 0.49 32.92
CA ARG A 35 -16.02 1.84 32.79
C ARG A 35 -16.07 2.56 34.14
N THR A 36 -17.14 2.37 34.90
CA THR A 36 -17.24 3.03 36.19
C THR A 36 -16.18 2.52 37.15
N LEU A 37 -15.97 1.20 37.20
CA LEU A 37 -14.94 0.65 38.08
C LEU A 37 -13.55 1.11 37.68
N SER A 38 -13.32 1.35 36.38
CA SER A 38 -12.02 1.79 35.93
C SER A 38 -11.65 3.17 36.47
N LYS A 39 -12.64 3.98 36.85
CA LYS A 39 -12.33 5.28 37.43
C LYS A 39 -11.61 5.15 38.78
N SER A 40 -11.77 4.02 39.48
CA SER A 40 -11.24 3.82 40.82
C SER A 40 -10.13 2.77 40.82
N SER A 41 -8.89 3.21 41.03
CA SER A 41 -7.77 2.28 41.13
C SER A 41 -7.85 1.43 42.37
N PHE A 42 -8.47 1.93 43.43
CA PHE A 42 -8.65 1.13 44.63
C PHE A 42 -9.58 -0.05 44.36
N LEU A 43 -10.74 0.22 43.76
CA LEU A 43 -11.69 -0.85 43.47
C LEU A 43 -11.12 -1.84 42.48
N CYS A 44 -10.28 -1.37 41.56
CA CYS A 44 -9.61 -2.30 40.66
C CYS A 44 -8.59 -3.15 41.41
N SER A 45 -7.84 -2.54 42.33
CA SER A 45 -6.92 -3.33 43.13
C SER A 45 -7.68 -4.29 44.04
N LEU A 46 -8.89 -3.92 44.43
CA LEU A 46 -9.73 -4.81 45.22
C LEU A 46 -10.21 -5.98 44.37
N ILE A 47 -10.65 -5.71 43.16
CA ILE A 47 -11.09 -6.77 42.26
C ILE A 47 -9.95 -7.75 42.03
N HIS A 48 -8.74 -7.23 41.85
CA HIS A 48 -7.59 -8.07 41.54
C HIS A 48 -7.23 -8.97 42.69
N SER A 49 -7.46 -8.53 43.94
CA SER A 49 -7.14 -9.37 45.08
C SER A 49 -8.09 -10.55 45.22
N GLN A 50 -9.30 -10.46 44.67
CA GLN A 50 -10.19 -11.60 44.71
C GLN A 50 -10.06 -12.50 43.50
N TRP A 51 -9.83 -11.92 42.32
CA TRP A 51 -9.87 -12.68 41.07
C TRP A 51 -8.53 -12.75 40.33
N GLY A 52 -7.51 -12.04 40.80
CA GLY A 52 -6.21 -12.15 40.17
C GLY A 52 -5.49 -13.44 40.53
N TYR A 53 -4.55 -13.82 39.68
CA TYR A 53 -3.70 -14.97 39.97
C TYR A 53 -2.35 -14.75 39.31
N LYS A 54 -1.30 -14.72 40.12
CA LYS A 54 0.07 -14.53 39.67
C LYS A 54 0.88 -15.80 39.95
N ASN A 55 1.61 -16.27 38.93
CA ASN A 55 2.57 -17.33 39.19
C ASN A 55 3.77 -17.22 38.25
N PRO A 56 5.00 -17.19 38.77
CA PRO A 56 6.16 -17.02 37.88
C PRO A 56 6.31 -18.11 36.83
N LYS A 57 5.66 -19.26 37.00
CA LYS A 57 5.69 -20.29 35.98
C LYS A 57 4.93 -19.90 34.72
N LEU A 58 4.04 -18.90 34.82
CA LEU A 58 3.24 -18.42 33.70
C LEU A 58 3.85 -17.23 33.00
N GLU A 59 4.91 -16.65 33.56
CA GLU A 59 5.52 -15.44 33.01
C GLU A 59 6.33 -15.77 31.76
N ASN A 60 6.25 -14.89 30.77
CA ASN A 60 7.10 -15.02 29.60
C ASN A 60 7.44 -13.63 29.07
N GLU A 61 8.58 -13.53 28.40
CA GLU A 61 8.95 -12.31 27.70
C GLU A 61 8.94 -12.62 26.20
N ILE A 62 8.07 -11.94 25.46
CA ILE A 62 7.82 -12.24 24.05
C ILE A 62 7.91 -10.94 23.27
N LEU A 63 8.72 -10.94 22.20
CA LEU A 63 8.88 -9.76 21.35
C LEU A 63 9.11 -8.50 22.18
N GLY A 64 10.02 -8.60 23.15
CA GLY A 64 10.35 -7.50 24.01
C GLY A 64 9.34 -7.18 25.09
N LEU A 65 8.23 -7.92 25.18
CA LEU A 65 7.14 -7.59 26.09
C LEU A 65 6.99 -8.65 27.18
N ASN A 66 6.61 -8.20 28.38
CA ASN A 66 6.47 -9.04 29.56
C ASN A 66 5.02 -9.46 29.74
N PHE A 67 4.74 -10.74 29.51
CA PHE A 67 3.40 -11.28 29.72
C PHE A 67 3.38 -12.08 31.01
N PRO A 68 2.71 -11.61 32.06
CA PRO A 68 2.75 -12.34 33.34
C PRO A 68 1.99 -13.66 33.33
N ASN A 69 1.03 -13.83 32.43
CA ASN A 69 0.44 -15.12 32.14
C ASN A 69 0.05 -15.11 30.67
N PRO A 70 -0.18 -16.28 30.07
CA PRO A 70 -0.39 -16.32 28.62
C PRO A 70 -1.83 -16.08 28.18
N LEU A 71 -2.72 -15.77 29.12
CA LEU A 71 -4.15 -15.78 28.88
C LEU A 71 -4.64 -14.34 28.64
N GLY A 72 -4.96 -14.02 27.38
CA GLY A 72 -5.42 -12.67 27.08
C GLY A 72 -6.90 -12.55 26.74
N LEU A 73 -7.43 -11.33 26.83
CA LEU A 73 -8.79 -11.05 26.39
C LEU A 73 -8.76 -10.72 24.90
N ALA A 74 -9.52 -11.49 24.11
CA ALA A 74 -9.57 -11.32 22.67
C ALA A 74 -10.14 -9.96 22.30
N ALA A 75 -9.86 -9.53 21.08
CA ALA A 75 -10.44 -8.31 20.54
C ALA A 75 -11.96 -8.42 20.44
N GLY A 76 -12.61 -7.25 20.46
CA GLY A 76 -14.03 -7.15 20.35
C GLY A 76 -14.76 -6.98 21.67
N PHE A 77 -14.11 -7.26 22.80
CA PHE A 77 -14.79 -7.05 24.08
C PHE A 77 -14.68 -5.60 24.54
N ASP A 78 -13.47 -5.03 24.49
CA ASP A 78 -13.25 -3.63 24.75
C ASP A 78 -12.87 -2.94 23.43
N LYS A 79 -13.88 -2.67 22.61
CA LYS A 79 -13.60 -2.10 21.30
C LYS A 79 -13.01 -0.70 21.39
N ASN A 80 -13.32 0.04 22.45
CA ASN A 80 -12.96 1.45 22.47
C ASN A 80 -11.90 1.79 23.51
N ALA A 81 -11.21 0.78 24.05
CA ALA A 81 -10.11 1.00 24.97
C ALA A 81 -10.52 1.81 26.21
N SER A 82 -11.74 1.56 26.71
CA SER A 82 -12.25 2.38 27.81
C SER A 82 -12.48 1.63 29.10
N MET A 83 -12.12 0.35 29.18
CA MET A 83 -12.29 -0.35 30.46
C MET A 83 -11.12 -1.28 30.73
N LEU A 84 -9.96 -0.93 30.19
CA LEU A 84 -8.79 -1.80 30.26
C LEU A 84 -8.36 -2.02 31.68
N ARG A 85 -8.49 -1.00 32.53
CA ARG A 85 -7.99 -1.13 33.89
C ARG A 85 -8.83 -2.10 34.68
N ALA A 86 -10.16 -2.05 34.49
CA ALA A 86 -11.01 -2.99 35.19
C ALA A 86 -10.80 -4.41 34.68
N LEU A 87 -10.62 -4.58 33.37
CA LEU A 87 -10.45 -5.92 32.81
C LEU A 87 -9.13 -6.55 33.25
N ILE A 88 -8.07 -5.75 33.38
CA ILE A 88 -6.79 -6.27 33.87
C ILE A 88 -6.95 -6.81 35.28
N ALA A 89 -7.77 -6.14 36.09
CA ALA A 89 -7.98 -6.60 37.46
C ALA A 89 -8.63 -7.99 37.53
N PHE A 90 -9.28 -8.46 36.46
CA PHE A 90 -9.83 -9.81 36.54
C PHE A 90 -8.83 -10.90 36.19
N GLY A 91 -7.57 -10.56 35.87
CA GLY A 91 -6.50 -11.55 35.84
C GLY A 91 -5.90 -11.86 34.48
N PHE A 92 -6.40 -11.27 33.40
CA PHE A 92 -5.83 -11.51 32.09
C PHE A 92 -4.35 -11.14 32.06
N GLY A 93 -3.55 -11.95 31.35
CA GLY A 93 -2.16 -11.63 31.17
C GLY A 93 -1.91 -10.44 30.26
N TYR A 94 -2.93 -10.05 29.49
CA TYR A 94 -2.86 -8.94 28.54
C TYR A 94 -4.23 -8.78 27.90
N LEU A 95 -4.42 -7.64 27.24
CA LEU A 95 -5.69 -7.33 26.57
C LEU A 95 -5.41 -6.86 25.16
N GLU A 96 -6.33 -7.16 24.26
CA GLU A 96 -6.31 -6.61 22.91
C GLU A 96 -7.56 -5.77 22.75
N ALA A 97 -7.38 -4.44 22.68
CA ALA A 97 -8.50 -3.54 22.45
C ALA A 97 -8.79 -3.45 20.96
N GLY A 98 -9.94 -2.87 20.63
CA GLY A 98 -10.41 -2.81 19.26
C GLY A 98 -11.39 -3.93 18.96
N THR A 99 -11.72 -4.07 17.68
CA THR A 99 -11.14 -3.37 16.55
C THR A 99 -11.49 -1.87 16.46
N LEU A 100 -10.45 -1.06 16.29
CA LEU A 100 -10.59 0.38 16.11
C LEU A 100 -10.37 0.72 14.65
N THR A 101 -11.18 1.67 14.16
CA THR A 101 -11.07 2.19 12.81
C THR A 101 -10.70 3.67 12.87
N ASN A 102 -10.20 4.17 11.74
CA ASN A 102 -9.73 5.55 11.64
C ASN A 102 -10.81 6.54 12.10
N GLU A 103 -12.01 6.42 11.55
CA GLU A 103 -13.16 7.18 11.99
C GLU A 103 -14.19 6.27 12.66
N ALA A 104 -15.02 6.87 13.52
CA ALA A 104 -16.14 6.20 14.17
C ALA A 104 -17.01 5.47 13.14
N GLN A 105 -17.68 4.42 13.59
CA GLN A 105 -18.43 3.58 12.67
C GLN A 105 -19.50 2.83 13.45
N VAL A 106 -20.70 2.77 12.90
CA VAL A 106 -21.82 2.22 13.65
C VAL A 106 -21.77 0.69 13.71
N GLY A 107 -21.19 0.04 12.69
CA GLY A 107 -21.27 -1.40 12.58
C GLY A 107 -22.57 -1.84 11.91
N ASN A 108 -22.78 -3.14 11.86
CA ASN A 108 -23.95 -3.67 11.16
C ASN A 108 -25.24 -3.42 11.96
N GLU A 109 -26.37 -3.53 11.26
CA GLU A 109 -27.67 -3.34 11.88
C GLU A 109 -27.93 -4.36 12.98
N ARG A 110 -28.56 -3.92 14.04
CA ARG A 110 -28.92 -4.77 15.17
C ARG A 110 -30.29 -5.40 14.93
N PRO A 111 -30.55 -6.61 15.48
CA PRO A 111 -29.68 -7.42 16.33
C PRO A 111 -28.57 -8.14 15.57
N ARG A 112 -27.38 -8.16 16.19
CA ARG A 112 -26.15 -8.63 15.57
C ARG A 112 -25.31 -9.45 16.55
N LEU A 113 -25.85 -9.77 17.72
CA LEU A 113 -25.18 -10.65 18.68
C LEU A 113 -26.23 -11.60 19.22
N PHE A 114 -25.91 -12.89 19.25
CA PHE A 114 -26.85 -13.91 19.69
C PHE A 114 -26.10 -14.95 20.51
N ARG A 115 -26.79 -15.53 21.48
CA ARG A 115 -26.19 -16.56 22.33
C ARG A 115 -26.79 -17.91 22.00
N HIS A 116 -25.96 -18.95 22.09
CA HIS A 116 -26.39 -20.34 22.04
C HIS A 116 -25.94 -20.95 23.37
N ILE A 117 -26.84 -20.87 24.35
CA ILE A 117 -26.44 -20.97 25.75
C ILE A 117 -26.02 -22.39 26.10
N GLU A 118 -26.80 -23.37 25.64
CA GLU A 118 -26.48 -24.77 25.93
C GLU A 118 -25.15 -25.16 25.30
N GLU A 119 -24.84 -24.62 24.12
CA GLU A 119 -23.56 -24.89 23.46
C GLU A 119 -22.43 -23.99 23.96
N GLU A 120 -22.69 -23.13 24.94
CA GLU A 120 -21.71 -22.16 25.42
C GLU A 120 -21.03 -21.46 24.25
N SER A 121 -21.86 -20.97 23.33
CA SER A 121 -21.36 -20.29 22.17
C SER A 121 -22.10 -18.97 21.96
N LEU A 122 -21.47 -18.14 21.13
CA LEU A 122 -22.04 -16.89 20.66
C LEU A 122 -22.01 -16.90 19.14
N GLN A 123 -22.82 -16.04 18.56
CA GLN A 123 -22.84 -15.83 17.12
C GLN A 123 -22.96 -14.33 16.92
N ASN A 124 -22.08 -13.75 16.11
CA ASN A 124 -22.14 -12.31 15.94
C ASN A 124 -21.78 -11.91 14.51
N ALA A 125 -22.44 -10.84 14.05
CA ALA A 125 -22.01 -10.08 12.87
C ALA A 125 -21.95 -8.60 13.22
N MET A 126 -21.10 -8.25 14.20
CA MET A 126 -21.07 -6.89 14.72
C MET A 126 -20.57 -5.89 13.69
N GLY A 127 -19.41 -6.16 13.09
CA GLY A 127 -18.88 -5.33 12.03
C GLY A 127 -18.19 -4.04 12.44
N PHE A 128 -17.31 -4.10 13.45
CA PHE A 128 -16.37 -3.02 13.75
C PHE A 128 -17.05 -1.76 14.29
N ASN A 129 -18.15 -1.90 15.04
CA ASN A 129 -18.70 -0.77 15.80
C ASN A 129 -17.66 -0.27 16.78
N ASN A 130 -17.27 1.00 16.65
CA ASN A 130 -16.26 1.58 17.52
C ASN A 130 -16.36 3.09 17.38
N TYR A 131 -15.75 3.81 18.33
CA TYR A 131 -15.88 5.27 18.33
C TYR A 131 -14.78 5.96 17.56
N GLY A 132 -13.92 5.21 16.88
CA GLY A 132 -12.82 5.80 16.14
C GLY A 132 -11.55 5.86 16.95
N ALA A 133 -10.43 5.89 16.23
CA ALA A 133 -9.12 5.78 16.86
C ALA A 133 -8.75 7.03 17.66
N VAL A 134 -9.20 8.22 17.24
CA VAL A 134 -8.89 9.44 17.99
C VAL A 134 -9.44 9.36 19.40
N LEU A 135 -10.73 9.00 19.54
CA LEU A 135 -11.30 8.81 20.87
C LEU A 135 -10.68 7.60 21.57
N GLY A 136 -10.43 6.52 20.81
CA GLY A 136 -9.84 5.33 21.41
C GLY A 136 -8.47 5.57 22.02
N ALA A 137 -7.66 6.42 21.38
CA ALA A 137 -6.37 6.80 21.95
C ALA A 137 -6.52 7.68 23.18
N ARG A 138 -7.53 8.55 23.20
CA ARG A 138 -7.81 9.36 24.39
C ARG A 138 -8.24 8.49 25.56
N SER A 139 -9.05 7.46 25.28
CA SER A 139 -9.55 6.57 26.34
C SER A 139 -8.45 5.68 26.88
N PHE A 140 -7.58 5.18 26.00
CA PHE A 140 -6.38 4.51 26.46
C PHE A 140 -5.55 5.41 27.37
N ASN A 141 -5.35 6.66 26.94
CA ASN A 141 -4.46 7.55 27.68
C ASN A 141 -5.06 7.96 29.02
N ARG A 142 -6.39 7.94 29.14
CA ARG A 142 -7.03 8.43 30.35
C ARG A 142 -6.53 7.69 31.59
N PHE A 143 -6.29 6.39 31.46
CA PHE A 143 -5.89 5.55 32.58
C PHE A 143 -4.51 4.92 32.40
N ALA A 144 -3.79 5.25 31.33
CA ALA A 144 -2.46 4.69 31.13
C ALA A 144 -1.53 5.23 32.21
N PRO A 145 -0.46 4.48 32.57
CA PRO A 145 -0.08 3.18 32.03
C PRO A 145 -0.87 2.01 32.63
N TYR A 146 -0.82 0.87 31.95
CA TYR A 146 -1.52 -0.33 32.34
C TYR A 146 -0.54 -1.39 32.82
N LYS A 147 -1.02 -2.31 33.66
CA LYS A 147 -0.21 -3.31 34.34
C LYS A 147 0.13 -4.52 33.48
N THR A 148 -0.39 -4.61 32.26
CA THR A 148 -0.09 -5.70 31.34
C THR A 148 0.16 -5.10 29.97
N PRO A 149 0.72 -5.88 29.04
CA PRO A 149 0.72 -5.44 27.63
C PRO A 149 -0.70 -5.23 27.13
N ILE A 150 -0.84 -4.30 26.19
CA ILE A 150 -2.12 -4.01 25.56
C ILE A 150 -1.94 -4.01 24.05
N GLY A 151 -2.68 -4.87 23.37
CA GLY A 151 -2.67 -4.89 21.93
C GLY A 151 -3.74 -3.97 21.37
N ILE A 152 -3.45 -3.37 20.22
CA ILE A 152 -4.42 -2.51 19.54
C ILE A 152 -4.75 -3.16 18.20
N ASN A 153 -5.99 -3.65 18.08
CA ASN A 153 -6.50 -4.30 16.88
C ASN A 153 -7.06 -3.23 15.95
N LEU A 154 -6.47 -3.11 14.77
CA LEU A 154 -6.79 -2.09 13.79
C LEU A 154 -7.53 -2.70 12.60
N GLY A 155 -8.51 -1.98 12.08
CA GLY A 155 -9.27 -2.43 10.94
C GLY A 155 -9.46 -1.31 9.93
N LYS A 156 -10.08 -1.69 8.81
CA LYS A 156 -10.42 -0.77 7.74
C LYS A 156 -11.88 -0.34 7.87
N ASN A 157 -12.12 0.97 7.78
CA ASN A 157 -13.49 1.47 7.73
C ASN A 157 -14.26 0.80 6.58
N LYS A 158 -15.55 0.54 6.81
CA LYS A 158 -16.33 -0.28 5.89
C LYS A 158 -16.39 0.30 4.48
N HIS A 159 -16.44 1.62 4.35
CA HIS A 159 -16.61 2.24 3.05
C HIS A 159 -15.31 2.47 2.30
N ILE A 160 -14.17 2.50 2.99
CA ILE A 160 -12.89 2.82 2.37
C ILE A 160 -12.65 1.87 1.20
N GLU A 161 -12.63 2.42 -0.02
CA GLU A 161 -12.52 1.61 -1.22
C GLU A 161 -11.20 0.84 -1.23
N GLN A 162 -11.26 -0.39 -1.74
CA GLN A 162 -10.08 -1.25 -1.76
C GLN A 162 -8.90 -0.64 -2.49
N ALA A 163 -9.08 0.49 -3.18
CA ALA A 163 -7.97 1.26 -3.74
C ALA A 163 -7.20 1.95 -2.63
N HIS A 164 -7.75 3.02 -2.08
CA HIS A 164 -7.13 3.72 -0.96
C HIS A 164 -7.37 3.02 0.38
N ALA A 165 -7.39 1.68 0.39
CA ALA A 165 -7.58 0.91 1.62
C ALA A 165 -6.29 0.74 2.41
N LEU A 166 -5.17 0.51 1.73
CA LEU A 166 -3.88 0.54 2.40
C LEU A 166 -3.64 1.88 3.09
N GLU A 167 -4.14 2.97 2.50
CA GLU A 167 -4.02 4.28 3.11
C GLU A 167 -4.94 4.43 4.32
N ASP A 168 -5.95 3.57 4.45
CA ASP A 168 -6.81 3.57 5.63
C ASP A 168 -6.12 2.87 6.80
N TYR A 169 -5.46 1.73 6.55
CA TYR A 169 -4.67 1.13 7.61
C TYR A 169 -3.53 2.03 8.06
N LYS A 170 -3.03 2.88 7.16
CA LYS A 170 -1.99 3.83 7.54
C LYS A 170 -2.55 4.93 8.43
N ALA A 171 -3.74 5.42 8.12
CA ALA A 171 -4.35 6.47 8.94
C ALA A 171 -4.68 5.97 10.35
N VAL A 172 -5.29 4.79 10.48
CA VAL A 172 -5.67 4.33 11.81
C VAL A 172 -4.42 3.98 12.61
N LEU A 173 -3.46 3.31 11.99
CA LEU A 173 -2.22 2.98 12.70
C LEU A 173 -1.48 4.25 13.09
N ASN A 174 -1.53 5.27 12.22
CA ASN A 174 -0.89 6.53 12.52
C ASN A 174 -1.54 7.20 13.71
N GLN A 175 -2.85 7.06 13.84
CA GLN A 175 -3.55 7.63 14.98
C GLN A 175 -3.27 6.86 16.27
N CYS A 176 -2.82 5.61 16.18
CA CYS A 176 -2.59 4.79 17.36
C CYS A 176 -1.11 4.60 17.68
N LEU A 177 -0.22 5.36 17.03
CA LEU A 177 1.23 5.13 17.17
C LEU A 177 1.70 5.27 18.62
N ASN A 178 1.03 6.10 19.42
CA ASN A 178 1.50 6.40 20.78
C ASN A 178 0.71 5.67 21.85
N ILE A 179 0.00 4.60 21.49
CA ILE A 179 -0.70 3.79 22.47
C ILE A 179 -0.42 2.32 22.18
N GLY A 180 -0.51 1.50 23.23
CA GLY A 180 -0.43 0.06 23.07
C GLY A 180 0.99 -0.45 22.94
N ASP A 181 1.13 -1.76 23.08
CA ASP A 181 2.42 -2.41 22.98
C ASP A 181 2.58 -3.26 21.73
N TYR A 182 1.48 -3.62 21.05
CA TYR A 182 1.57 -4.29 19.77
C TYR A 182 0.31 -3.98 18.99
N TYR A 183 0.36 -4.19 17.68
CA TYR A 183 -0.78 -4.01 16.79
C TYR A 183 -1.19 -5.33 16.17
N THR A 184 -2.49 -5.49 15.99
CA THR A 184 -3.07 -6.63 15.27
C THR A 184 -3.80 -6.09 14.06
N PHE A 185 -3.55 -6.68 12.90
CA PHE A 185 -4.29 -6.35 11.70
C PHE A 185 -5.30 -7.44 11.44
N ASN A 186 -6.56 -7.05 11.35
CA ASN A 186 -7.66 -7.99 11.22
C ASN A 186 -7.91 -8.22 9.74
N LEU A 187 -7.37 -9.33 9.24
CA LEU A 187 -7.59 -9.70 7.84
C LEU A 187 -8.55 -10.85 7.76
N ASN A 200 -6.13 -11.43 0.31
CA ASN A 200 -5.23 -11.44 -0.84
C ASN A 200 -3.77 -11.49 -0.39
N LYS A 201 -3.01 -12.46 -0.90
CA LYS A 201 -1.60 -12.56 -0.54
C LYS A 201 -0.78 -11.38 -1.07
N ALA A 202 -1.22 -10.78 -2.18
CA ALA A 202 -0.50 -9.67 -2.78
C ALA A 202 -0.63 -8.37 -2.00
N PHE A 203 -1.53 -8.30 -1.03
CA PHE A 203 -1.74 -7.10 -0.24
C PHE A 203 -1.13 -7.19 1.16
N VAL A 204 -1.01 -8.41 1.70
CA VAL A 204 -0.48 -8.56 3.06
C VAL A 204 0.97 -8.12 3.13
N ASN A 205 1.74 -8.34 2.07
CA ASN A 205 3.13 -7.92 2.06
C ASN A 205 3.26 -6.41 2.20
N GLU A 206 2.47 -5.66 1.42
CA GLU A 206 2.56 -4.20 1.48
C GLU A 206 2.01 -3.66 2.80
N LEU A 207 1.02 -4.34 3.38
CA LEU A 207 0.47 -3.89 4.66
C LEU A 207 1.53 -3.91 5.75
N PHE A 208 2.23 -5.04 5.89
CA PHE A 208 3.24 -5.17 6.93
C PHE A 208 4.54 -4.46 6.56
N CYS A 209 4.81 -4.28 5.26
CA CYS A 209 5.96 -3.45 4.86
C CYS A 209 5.71 -1.99 5.20
N MET A 210 4.55 -1.46 4.80
CA MET A 210 4.12 -0.13 5.24
C MET A 210 4.19 0.00 6.76
N ALA A 211 3.69 -1.01 7.48
CA ALA A 211 3.59 -0.90 8.94
C ALA A 211 4.97 -0.92 9.60
N LYS A 212 5.88 -1.73 9.08
CA LYS A 212 7.22 -1.83 9.66
C LYS A 212 7.94 -0.50 9.65
N GLU A 213 7.65 0.35 8.66
CA GLU A 213 8.27 1.67 8.52
C GLU A 213 7.62 2.73 9.40
N MET A 214 6.53 2.41 10.09
CA MET A 214 5.86 3.39 10.93
C MET A 214 6.04 3.16 12.42
N THR A 215 6.35 1.93 12.83
CA THR A 215 6.50 1.61 14.25
C THR A 215 7.50 0.47 14.40
N HIS A 216 8.13 0.43 15.57
CA HIS A 216 8.97 -0.70 15.95
C HIS A 216 8.23 -1.74 16.80
N LYS A 217 6.93 -1.52 17.09
CA LYS A 217 6.19 -2.43 17.95
C LYS A 217 5.80 -3.71 17.20
N PRO A 218 5.69 -4.83 17.92
CA PRO A 218 5.27 -6.09 17.29
C PRO A 218 4.00 -5.95 16.47
N LEU A 219 3.95 -6.68 15.35
CA LEU A 219 2.86 -6.69 14.41
C LEU A 219 2.32 -8.11 14.27
N PHE A 220 1.00 -8.27 14.34
CA PHE A 220 0.35 -9.57 14.25
C PHE A 220 -0.69 -9.54 13.14
N LEU A 221 -0.84 -10.67 12.47
CA LEU A 221 -1.92 -10.88 11.52
C LEU A 221 -2.94 -11.79 12.19
N LYS A 222 -4.21 -11.41 12.16
CA LYS A 222 -5.27 -12.27 12.67
C LYS A 222 -6.06 -12.84 11.49
N ILE A 223 -6.25 -14.14 11.50
CA ILE A 223 -6.87 -14.83 10.37
C ILE A 223 -8.18 -15.45 10.80
N ALA A 224 -9.07 -15.59 9.83
CA ALA A 224 -10.28 -16.38 9.98
C ALA A 224 -9.93 -17.87 10.09
N PRO A 225 -10.88 -18.69 10.54
CA PRO A 225 -10.63 -20.14 10.57
C PRO A 225 -11.13 -20.87 9.34
N ASP A 226 -11.65 -20.17 8.33
CA ASP A 226 -12.33 -20.80 7.22
C ASP A 226 -11.54 -20.76 5.92
N LEU A 227 -10.24 -20.47 5.98
CA LEU A 227 -9.42 -20.51 4.78
C LEU A 227 -9.07 -21.96 4.42
N GLU A 228 -9.01 -22.22 3.11
CA GLU A 228 -8.40 -23.47 2.68
C GLU A 228 -6.94 -23.48 3.09
N ILE A 229 -6.45 -24.66 3.51
CA ILE A 229 -5.15 -24.74 4.19
C ILE A 229 -4.03 -24.21 3.30
N ASP A 230 -3.97 -24.65 2.05
CA ASP A 230 -2.98 -24.10 1.12
C ASP A 230 -3.15 -22.60 0.98
N ASP A 231 -4.39 -22.15 0.80
CA ASP A 231 -4.62 -20.71 0.71
C ASP A 231 -4.20 -20.02 2.00
N MET A 232 -4.34 -20.70 3.13
CA MET A 232 -3.93 -20.14 4.40
C MET A 232 -2.41 -20.04 4.51
N LEU A 233 -1.70 -21.08 4.06
CA LEU A 233 -0.25 -21.06 4.13
C LEU A 233 0.33 -19.97 3.23
N GLU A 234 -0.31 -19.71 2.08
CA GLU A 234 0.16 -18.63 1.22
C GLU A 234 0.02 -17.27 1.91
N ILE A 235 -1.16 -16.97 2.45
CA ILE A 235 -1.42 -15.67 3.07
C ILE A 235 -0.48 -15.44 4.25
N VAL A 236 -0.35 -16.44 5.12
CA VAL A 236 0.45 -16.27 6.32
C VAL A 236 1.93 -16.09 5.97
N ASN A 237 2.42 -16.87 5.01
CA ASN A 237 3.83 -16.80 4.63
C ASN A 237 4.20 -15.44 4.05
N SER A 238 3.28 -14.82 3.28
CA SER A 238 3.52 -13.48 2.78
C SER A 238 3.66 -12.48 3.93
N ALA A 239 2.85 -12.67 4.98
CA ALA A 239 2.88 -11.75 6.12
C ALA A 239 4.20 -11.82 6.86
N ILE A 240 4.69 -13.03 7.13
CA ILE A 240 5.96 -13.19 7.84
C ILE A 240 7.11 -12.60 7.03
N GLU A 241 7.17 -12.89 5.73
CA GLU A 241 8.27 -12.39 4.90
C GLU A 241 8.27 -10.88 4.76
N ALA A 242 7.11 -10.24 4.91
CA ALA A 242 7.03 -8.79 4.95
C ALA A 242 7.34 -8.22 6.33
N GLY A 243 7.59 -9.07 7.32
CA GLY A 243 7.98 -8.62 8.64
C GLY A 243 6.97 -8.81 9.76
N ALA A 244 5.83 -9.46 9.50
CA ALA A 244 4.89 -9.73 10.58
C ALA A 244 5.60 -10.55 11.65
N HIS A 245 5.29 -10.25 12.92
CA HIS A 245 5.97 -10.92 14.02
C HIS A 245 5.18 -12.09 14.58
N GLY A 246 3.88 -12.15 14.31
CA GLY A 246 3.05 -13.20 14.89
C GLY A 246 1.75 -13.35 14.15
N ILE A 247 1.14 -14.51 14.34
CA ILE A 247 -0.13 -14.86 13.72
C ILE A 247 -1.11 -15.18 14.83
N ILE A 248 -2.31 -14.61 14.72
CA ILE A 248 -3.41 -14.85 15.65
C ILE A 248 -4.46 -15.66 14.91
N ALA A 249 -4.76 -16.85 15.43
CA ALA A 249 -5.77 -17.74 14.87
C ALA A 249 -6.57 -18.36 16.01
N THR A 250 -7.91 -18.25 15.95
CA THR A 250 -8.69 -17.72 14.84
C THR A 250 -9.79 -16.70 15.25
N ASN A 251 -10.35 -16.00 14.27
CA ASN A 251 -11.60 -15.26 14.46
C ASN A 251 -12.76 -16.26 14.42
N THR A 252 -14.01 -15.81 14.25
CA THR A 252 -15.17 -16.70 14.29
C THR A 252 -15.36 -17.48 12.98
N THR A 253 -16.12 -18.57 13.05
CA THR A 253 -16.32 -19.47 11.91
C THR A 253 -17.70 -19.33 11.29
N ILE A 254 -17.76 -19.63 9.99
CA ILE A 254 -19.01 -19.68 9.24
C ILE A 254 -19.11 -20.99 8.46
N ASP A 255 -18.47 -22.06 8.94
CA ASP A 255 -18.56 -23.35 8.26
C ASP A 255 -19.62 -24.28 8.86
N LYS A 256 -19.64 -24.43 10.19
CA LYS A 256 -20.57 -25.35 10.84
C LYS A 256 -22.02 -24.94 10.56
N SER A 257 -22.64 -25.57 9.56
CA SER A 257 -24.00 -25.24 9.16
C SER A 257 -25.03 -25.85 10.13
N LEU A 258 -24.94 -25.42 11.39
CA LEU A 258 -25.86 -25.88 12.41
C LEU A 258 -27.27 -25.36 12.13
N VAL A 259 -28.28 -26.21 12.40
CA VAL A 259 -29.65 -25.86 12.06
C VAL A 259 -30.12 -24.64 12.86
N PHE A 260 -29.75 -24.58 14.13
CA PHE A 260 -30.24 -23.55 15.04
C PHE A 260 -29.42 -22.26 14.99
N ALA A 261 -28.57 -22.10 13.96
CA ALA A 261 -27.73 -20.90 13.83
C ALA A 261 -27.50 -20.59 12.34
N PRO A 262 -28.52 -20.11 11.63
CA PRO A 262 -28.33 -19.78 10.21
C PRO A 262 -27.22 -18.77 9.99
N LYS A 263 -26.67 -18.77 8.78
CA LYS A 263 -25.44 -18.04 8.50
C LYS A 263 -25.61 -16.53 8.57
N GLU A 264 -26.85 -16.03 8.48
CA GLU A 264 -27.13 -14.59 8.46
C GLU A 264 -26.97 -13.95 9.84
N MET A 265 -26.71 -14.74 10.86
CA MET A 265 -26.50 -14.23 12.20
C MET A 265 -25.01 -14.08 12.53
N GLY A 266 -24.13 -14.36 11.58
CA GLY A 266 -22.71 -14.12 11.74
C GLY A 266 -21.94 -15.36 12.14
N GLY A 267 -20.70 -15.13 12.57
CA GLY A 267 -19.78 -16.20 12.86
C GLY A 267 -19.91 -16.76 14.26
N LEU A 268 -19.67 -18.08 14.38
CA LEU A 268 -19.73 -18.77 15.66
C LEU A 268 -18.42 -18.62 16.44
N SER A 269 -18.55 -18.33 17.73
CA SER A 269 -17.47 -18.35 18.72
C SER A 269 -17.85 -19.31 19.84
N GLY A 270 -16.95 -19.47 20.80
CA GLY A 270 -17.23 -20.35 21.92
C GLY A 270 -16.94 -21.81 21.60
N LYS A 271 -17.59 -22.71 22.34
CA LYS A 271 -17.25 -24.13 22.25
C LYS A 271 -17.61 -24.75 20.91
N CYS A 272 -18.55 -24.18 20.14
CA CYS A 272 -18.78 -24.66 18.77
C CYS A 272 -17.62 -24.35 17.84
N LEU A 273 -16.66 -23.53 18.26
CA LEU A 273 -15.49 -23.21 17.46
C LEU A 273 -14.27 -24.01 17.87
N THR A 274 -14.32 -24.68 19.03
CA THR A 274 -13.12 -25.31 19.57
C THR A 274 -12.43 -26.22 18.55
N LYS A 275 -13.20 -27.05 17.86
CA LYS A 275 -12.58 -28.09 17.03
C LYS A 275 -11.89 -27.49 15.82
N LYS A 276 -12.58 -26.60 15.09
CA LYS A 276 -11.99 -26.07 13.87
C LYS A 276 -10.81 -25.16 14.20
N SER A 277 -10.90 -24.40 15.29
CA SER A 277 -9.79 -23.54 15.70
C SER A 277 -8.56 -24.36 16.02
N ARG A 278 -8.76 -25.45 16.76
CA ARG A 278 -7.71 -26.44 17.03
C ARG A 278 -7.09 -26.95 15.73
N GLU A 279 -7.94 -27.35 14.78
CA GLU A 279 -7.44 -27.91 13.53
C GLU A 279 -6.64 -26.89 12.74
N VAL A 280 -7.18 -25.68 12.61
CA VAL A 280 -6.48 -24.62 11.92
C VAL A 280 -5.11 -24.38 12.58
N PHE A 281 -5.06 -24.46 13.90
CA PHE A 281 -3.84 -24.09 14.61
C PHE A 281 -2.77 -25.17 14.47
N LYS A 282 -3.17 -26.44 14.43
CA LYS A 282 -2.18 -27.49 14.18
C LYS A 282 -1.46 -27.27 12.86
N GLU A 283 -2.22 -26.90 11.82
CA GLU A 283 -1.61 -26.67 10.51
C GLU A 283 -0.75 -25.42 10.54
N LEU A 284 -1.23 -24.35 11.20
CA LEU A 284 -0.45 -23.13 11.37
C LEU A 284 0.89 -23.42 12.06
N ALA A 285 0.84 -24.15 13.17
CA ALA A 285 2.07 -24.50 13.88
C ALA A 285 2.96 -25.39 13.01
N LYS A 286 2.37 -26.34 12.29
CA LYS A 286 3.20 -27.25 11.50
C LYS A 286 4.08 -26.49 10.52
N ALA A 287 3.55 -25.43 9.93
CA ALA A 287 4.29 -24.68 8.94
C ALA A 287 5.11 -23.53 9.52
N PHE A 288 4.69 -22.95 10.66
CA PHE A 288 5.18 -21.64 11.04
C PHE A 288 5.67 -21.52 12.47
N PHE A 289 5.67 -22.60 13.26
CA PHE A 289 6.07 -22.46 14.66
C PHE A 289 7.49 -21.92 14.81
N ASN A 290 8.42 -22.38 13.98
CA ASN A 290 9.81 -21.96 14.14
CA ASN A 290 9.82 -21.98 14.09
C ASN A 290 10.10 -20.61 13.49
N LYS A 291 9.09 -19.95 12.91
CA LYS A 291 9.29 -18.72 12.17
C LYS A 291 8.45 -17.55 12.66
N SER A 292 7.63 -17.74 13.69
CA SER A 292 6.72 -16.68 14.11
C SER A 292 6.19 -17.00 15.49
N VAL A 293 5.65 -15.97 16.14
CA VAL A 293 4.94 -16.14 17.40
C VAL A 293 3.50 -16.51 17.07
N LEU A 294 3.02 -17.59 17.67
CA LEU A 294 1.68 -18.08 17.37
C LEU A 294 0.74 -17.88 18.56
N VAL A 295 -0.40 -17.26 18.31
CA VAL A 295 -1.42 -16.98 19.33
C VAL A 295 -2.68 -17.77 18.97
N SER A 296 -3.14 -18.62 19.89
CA SER A 296 -4.32 -19.46 19.65
C SER A 296 -5.57 -18.85 20.27
N VAL A 297 -6.62 -18.72 19.47
CA VAL A 297 -7.89 -18.17 19.89
C VAL A 297 -9.00 -19.02 19.31
N GLY A 298 -10.05 -19.22 20.09
CA GLY A 298 -11.26 -19.81 19.55
C GLY A 298 -11.70 -21.00 20.36
N GLY A 299 -12.71 -20.80 21.20
CA GLY A 299 -13.30 -21.92 21.92
C GLY A 299 -12.45 -22.49 23.02
N ILE A 300 -11.58 -21.67 23.61
CA ILE A 300 -10.82 -22.06 24.80
C ILE A 300 -11.66 -21.70 26.01
N SER A 301 -12.01 -22.68 26.83
CA SER A 301 -12.87 -22.49 28.00
C SER A 301 -12.29 -23.01 29.29
N ASP A 302 -11.22 -23.81 29.26
CA ASP A 302 -10.68 -24.42 30.46
C ASP A 302 -9.19 -24.65 30.28
N ALA A 303 -8.54 -25.13 31.33
CA ALA A 303 -7.09 -25.20 31.29
C ALA A 303 -6.57 -26.33 30.42
N LYS A 304 -7.30 -27.45 30.35
CA LYS A 304 -6.90 -28.55 29.46
C LYS A 304 -6.80 -28.07 28.02
N GLU A 305 -7.84 -27.39 27.54
CA GLU A 305 -7.82 -26.90 26.16
C GLU A 305 -6.72 -25.87 25.97
N ALA A 306 -6.59 -24.93 26.91
CA ALA A 306 -5.53 -23.94 26.87
C ALA A 306 -4.16 -24.61 26.88
N TYR A 307 -4.00 -25.63 27.73
CA TYR A 307 -2.74 -26.36 27.79
C TYR A 307 -2.47 -27.10 26.47
N GLU A 308 -3.51 -27.66 25.85
CA GLU A 308 -3.34 -28.29 24.55
C GLU A 308 -2.86 -27.29 23.51
N ARG A 309 -3.44 -26.08 23.49
CA ARG A 309 -2.99 -25.08 22.54
C ARG A 309 -1.52 -24.73 22.76
N ILE A 310 -1.11 -24.59 24.02
CA ILE A 310 0.27 -24.23 24.30
C ILE A 310 1.21 -25.34 23.83
N LYS A 311 0.87 -26.60 24.15
CA LYS A 311 1.69 -27.71 23.67
C LYS A 311 1.71 -27.77 22.14
N MET A 312 0.61 -27.41 21.48
CA MET A 312 0.62 -27.43 20.02
C MET A 312 1.57 -26.39 19.42
N GLY A 313 1.97 -25.37 20.18
CA GLY A 313 2.86 -24.34 19.66
C GLY A 313 2.47 -22.91 19.97
N ALA A 314 1.47 -22.69 20.83
CA ALA A 314 0.95 -21.35 21.07
C ALA A 314 1.71 -20.68 22.22
N SER A 315 2.41 -19.58 21.91
CA SER A 315 3.06 -18.82 22.96
C SER A 315 2.04 -18.06 23.83
N LEU A 316 0.91 -17.64 23.24
CA LEU A 316 -0.10 -16.89 23.96
C LEU A 316 -1.49 -17.39 23.53
N LEU A 317 -2.49 -17.06 24.34
CA LEU A 317 -3.88 -17.43 24.12
C LEU A 317 -4.77 -16.20 24.20
N GLN A 318 -5.99 -16.33 23.70
CA GLN A 318 -7.02 -15.29 23.88
C GLN A 318 -8.37 -15.96 24.06
N ILE A 319 -9.26 -15.27 24.78
CA ILE A 319 -10.60 -15.75 25.08
C ILE A 319 -11.57 -14.59 24.93
N TYR A 320 -12.70 -14.83 24.25
CA TYR A 320 -13.84 -13.94 24.37
C TYR A 320 -15.01 -14.67 25.03
N SER A 321 -15.52 -15.73 24.40
CA SER A 321 -16.84 -16.27 24.75
C SER A 321 -16.86 -16.88 26.13
N ALA A 322 -15.81 -17.63 26.49
CA ALA A 322 -15.78 -18.27 27.80
C ALA A 322 -15.83 -17.26 28.95
N PHE A 323 -15.42 -16.00 28.70
CA PHE A 323 -15.58 -14.96 29.71
C PHE A 323 -17.06 -14.70 29.99
N ILE A 324 -17.87 -14.70 28.94
CA ILE A 324 -19.32 -14.57 29.13
C ILE A 324 -19.83 -15.71 30.00
N TYR A 325 -19.46 -16.95 29.66
CA TYR A 325 -20.09 -18.09 30.31
C TYR A 325 -19.47 -18.45 31.65
N ASN A 326 -18.22 -18.08 31.92
CA ASN A 326 -17.61 -18.44 33.19
C ASN A 326 -17.56 -17.27 34.16
N GLY A 327 -17.48 -16.03 33.68
CA GLY A 327 -17.44 -14.87 34.53
C GLY A 327 -16.07 -14.54 35.11
N PRO A 328 -16.05 -13.75 36.19
CA PRO A 328 -14.77 -13.21 36.69
C PRO A 328 -13.78 -14.28 37.16
N ASN A 329 -14.24 -15.44 37.61
CA ASN A 329 -13.34 -16.53 38.00
C ASN A 329 -12.66 -17.20 36.83
N LEU A 330 -12.88 -16.73 35.58
CA LEU A 330 -12.35 -17.43 34.43
C LEU A 330 -10.84 -17.58 34.53
N CYS A 331 -10.14 -16.49 34.83
CA CYS A 331 -8.69 -16.49 34.69
C CYS A 331 -8.02 -17.31 35.77
N GLN A 332 -8.42 -17.12 37.03
CA GLN A 332 -7.74 -17.88 38.08
C GLN A 332 -8.07 -19.36 38.01
N ASN A 333 -9.29 -19.71 37.59
CA ASN A 333 -9.60 -21.12 37.34
C ASN A 333 -8.65 -21.72 36.31
N ILE A 334 -8.57 -21.10 35.13
CA ILE A 334 -7.73 -21.66 34.07
C ILE A 334 -6.27 -21.63 34.46
N LEU A 335 -5.80 -20.53 35.04
CA LEU A 335 -4.37 -20.39 35.29
C LEU A 335 -3.91 -21.30 36.43
N LYS A 336 -4.72 -21.42 37.49
CA LYS A 336 -4.35 -22.35 38.55
C LYS A 336 -4.24 -23.77 38.01
N ASP A 337 -5.25 -24.19 37.24
CA ASP A 337 -5.22 -25.51 36.65
C ASP A 337 -4.05 -25.68 35.69
N LEU A 338 -3.74 -24.62 34.94
CA LEU A 338 -2.60 -24.69 34.02
C LEU A 338 -1.30 -24.95 34.77
N VAL A 339 -1.11 -24.27 35.90
CA VAL A 339 0.08 -24.51 36.72
C VAL A 339 0.18 -25.97 37.10
N LYS A 340 -0.94 -26.60 37.47
CA LYS A 340 -0.88 -28.00 37.88
C LYS A 340 -0.57 -28.91 36.70
N LEU A 341 -1.02 -28.54 35.50
CA LEU A 341 -0.68 -29.31 34.31
C LEU A 341 0.81 -29.24 34.00
N LEU A 342 1.40 -28.05 34.10
CA LEU A 342 2.84 -27.93 33.91
C LEU A 342 3.60 -28.78 34.91
N GLN A 343 3.16 -28.75 36.17
CA GLN A 343 3.88 -29.47 37.22
C GLN A 343 3.64 -30.98 37.12
N LYS A 344 2.42 -31.38 36.73
CA LYS A 344 2.14 -32.79 36.47
C LYS A 344 2.70 -33.26 35.13
N ASP A 345 3.58 -32.47 34.51
CA ASP A 345 4.17 -32.81 33.23
C ASP A 345 5.68 -32.71 33.21
N GLY A 346 6.30 -32.04 34.18
CA GLY A 346 7.73 -31.85 34.22
C GLY A 346 8.26 -30.51 33.77
N PHE A 347 7.39 -29.53 33.53
CA PHE A 347 7.83 -28.23 33.08
C PHE A 347 8.00 -27.29 34.26
N LEU A 348 9.11 -26.56 34.29
CA LEU A 348 9.35 -25.58 35.34
C LEU A 348 8.68 -24.26 35.07
N SER A 349 8.20 -24.05 33.85
CA SER A 349 7.45 -22.84 33.51
C SER A 349 6.78 -23.04 32.16
N VAL A 350 5.81 -22.18 31.88
CA VAL A 350 5.08 -22.25 30.61
C VAL A 350 6.01 -22.19 29.41
N LYS A 351 7.23 -21.65 29.58
CA LYS A 351 8.18 -21.57 28.47
C LYS A 351 8.58 -22.94 27.96
N GLU A 352 8.76 -23.91 28.86
CA GLU A 352 9.09 -25.26 28.42
C GLU A 352 7.92 -26.00 27.79
N ALA A 353 6.69 -25.57 28.04
CA ALA A 353 5.54 -26.31 27.54
C ALA A 353 5.19 -25.99 26.09
N ILE A 354 5.68 -24.87 25.56
CA ILE A 354 5.34 -24.39 24.24
C ILE A 354 5.84 -25.33 23.14
N GLY A 355 6.45 -26.46 23.54
CA GLY A 355 7.03 -27.39 22.58
C GLY A 355 6.08 -28.48 22.10
N ALA A 356 6.39 -29.01 20.90
CA ALA A 356 5.55 -30.02 20.21
C ALA A 356 5.08 -31.14 21.13
N LEU B 10 26.10 -6.38 -12.32
CA LEU B 10 25.95 -6.27 -13.76
C LEU B 10 24.49 -6.29 -14.19
N TYR B 11 24.13 -5.31 -15.01
CA TYR B 11 22.76 -5.20 -15.50
C TYR B 11 22.39 -6.33 -16.45
N PRO B 12 23.31 -6.92 -17.21
CA PRO B 12 22.93 -8.12 -17.99
C PRO B 12 22.33 -9.22 -17.12
N LEU B 13 22.83 -9.41 -15.89
CA LEU B 13 22.24 -10.41 -15.01
C LEU B 13 20.88 -9.98 -14.51
N VAL B 14 20.71 -8.69 -14.19
CA VAL B 14 19.40 -8.20 -13.76
C VAL B 14 18.38 -8.40 -14.87
N LYS B 15 18.80 -8.14 -16.11
CA LYS B 15 17.92 -8.23 -17.26
C LYS B 15 17.47 -9.67 -17.51
N LYS B 16 18.41 -10.63 -17.42
CA LYS B 16 18.03 -12.04 -17.54
C LYS B 16 17.00 -12.42 -16.51
N TYR B 17 17.14 -11.94 -15.27
CA TYR B 17 16.15 -12.25 -14.24
C TYR B 17 14.83 -11.59 -14.55
N LEU B 18 14.83 -10.27 -14.74
CA LEU B 18 13.58 -9.57 -14.98
C LEU B 18 12.91 -10.04 -16.26
N PHE B 19 13.68 -10.37 -17.30
CA PHE B 19 13.06 -10.73 -18.57
C PHE B 19 12.46 -12.12 -18.56
N SER B 20 12.78 -12.92 -17.53
CA SER B 20 12.09 -14.18 -17.30
C SER B 20 10.75 -13.98 -16.61
N LEU B 21 10.47 -12.79 -16.10
CA LEU B 21 9.25 -12.51 -15.38
C LEU B 21 8.24 -11.80 -16.28
N ASP B 22 6.98 -11.78 -15.84
CA ASP B 22 5.98 -10.91 -16.45
C ASP B 22 6.48 -9.47 -16.39
N ALA B 23 6.26 -8.72 -17.49
CA ALA B 23 6.88 -7.41 -17.61
C ALA B 23 6.37 -6.46 -16.53
N GLU B 24 5.05 -6.48 -16.26
CA GLU B 24 4.51 -5.62 -15.22
C GLU B 24 5.07 -5.97 -13.86
N ASP B 25 5.07 -7.27 -13.51
CA ASP B 25 5.68 -7.72 -12.26
C ASP B 25 7.14 -7.26 -12.16
N ALA B 26 7.92 -7.44 -13.22
CA ALA B 26 9.29 -6.96 -13.19
C ALA B 26 9.33 -5.46 -12.92
N HIS B 27 8.41 -4.70 -13.53
CA HIS B 27 8.39 -3.27 -13.30
C HIS B 27 8.05 -2.95 -11.84
N GLU B 28 7.12 -3.70 -11.26
CA GLU B 28 6.77 -3.49 -9.86
C GLU B 28 7.95 -3.77 -8.94
N LYS B 29 8.76 -4.79 -9.26
CA LYS B 29 9.94 -5.08 -8.44
C LYS B 29 10.94 -3.93 -8.52
N VAL B 30 11.16 -3.40 -9.72
CA VAL B 30 12.06 -2.26 -9.88
C VAL B 30 11.53 -1.06 -9.10
N CYS B 31 10.22 -0.79 -9.20
CA CYS B 31 9.63 0.35 -8.51
C CYS B 31 9.85 0.25 -7.00
N LYS B 32 9.65 -0.94 -6.44
CA LYS B 32 9.92 -1.16 -5.02
C LYS B 32 11.33 -0.75 -4.66
N ILE B 33 12.33 -1.24 -5.40
CA ILE B 33 13.72 -0.89 -5.15
C ILE B 33 13.92 0.62 -5.21
N LEU B 34 13.37 1.27 -6.24
CA LEU B 34 13.63 2.71 -6.41
C LEU B 34 12.90 3.54 -5.36
N ARG B 35 11.75 3.08 -4.88
CA ARG B 35 11.08 3.75 -3.78
C ARG B 35 11.90 3.63 -2.49
N THR B 36 12.46 2.45 -2.22
CA THR B 36 13.32 2.32 -1.06
C THR B 36 14.53 3.23 -1.18
N LEU B 37 15.24 3.17 -2.32
CA LEU B 37 16.43 3.99 -2.49
C LEU B 37 16.14 5.46 -2.27
N SER B 38 14.95 5.91 -2.69
CA SER B 38 14.60 7.32 -2.60
C SER B 38 14.54 7.79 -1.15
N LYS B 39 14.31 6.87 -0.20
CA LYS B 39 14.26 7.24 1.20
C LYS B 39 15.62 7.69 1.73
N SER B 40 16.71 7.28 1.08
CA SER B 40 18.07 7.61 1.49
C SER B 40 18.66 8.63 0.53
N SER B 41 18.80 9.87 1.00
CA SER B 41 19.54 10.86 0.23
C SER B 41 20.98 10.42 0.02
N PHE B 42 21.58 9.76 1.02
CA PHE B 42 22.96 9.28 0.86
C PHE B 42 23.06 8.28 -0.29
N LEU B 43 22.23 7.23 -0.28
CA LEU B 43 22.31 6.22 -1.34
C LEU B 43 22.04 6.83 -2.70
N CYS B 44 21.05 7.73 -2.79
CA CYS B 44 20.82 8.44 -4.05
C CYS B 44 22.03 9.25 -4.46
N SER B 45 22.70 9.88 -3.48
CA SER B 45 23.93 10.59 -3.78
C SER B 45 24.97 9.64 -4.36
N LEU B 46 25.05 8.43 -3.80
CA LEU B 46 26.01 7.44 -4.27
C LEU B 46 25.72 7.04 -5.70
N ILE B 47 24.45 6.78 -6.02
CA ILE B 47 24.09 6.38 -7.37
C ILE B 47 24.49 7.46 -8.36
N HIS B 48 24.31 8.73 -7.98
CA HIS B 48 24.62 9.82 -8.89
C HIS B 48 26.10 9.85 -9.25
N SER B 49 26.98 9.64 -8.26
CA SER B 49 28.42 9.62 -8.53
C SER B 49 28.85 8.41 -9.36
N GLN B 50 28.04 7.36 -9.42
CA GLN B 50 28.32 6.26 -10.33
C GLN B 50 27.72 6.49 -11.73
N TRP B 51 26.48 6.95 -11.82
CA TRP B 51 25.77 6.98 -13.10
C TRP B 51 25.43 8.37 -13.61
N GLY B 52 25.69 9.41 -12.84
CA GLY B 52 25.47 10.75 -13.35
C GLY B 52 26.55 11.21 -14.31
N TYR B 53 26.20 12.16 -15.16
CA TYR B 53 27.14 12.76 -16.08
C TYR B 53 26.77 14.21 -16.28
N LYS B 54 27.72 15.12 -16.02
CA LYS B 54 27.52 16.55 -16.18
C LYS B 54 28.52 17.11 -17.16
N ASN B 55 28.07 18.07 -17.95
CA ASN B 55 28.94 18.78 -18.88
C ASN B 55 28.26 20.08 -19.20
N PRO B 56 28.95 21.22 -19.05
CA PRO B 56 28.29 22.51 -19.29
C PRO B 56 27.73 22.64 -20.69
N LYS B 57 28.29 21.91 -21.65
CA LYS B 57 27.79 21.96 -23.02
C LYS B 57 26.44 21.30 -23.16
N LEU B 58 25.98 20.56 -22.16
CA LEU B 58 24.68 19.90 -22.22
C LEU B 58 23.55 20.76 -21.67
N GLU B 59 23.89 21.76 -20.87
CA GLU B 59 22.90 22.54 -20.14
C GLU B 59 22.17 23.50 -21.07
N ASN B 60 20.91 23.76 -20.74
CA ASN B 60 20.12 24.73 -21.48
C ASN B 60 19.09 25.35 -20.55
N GLU B 61 18.74 26.60 -20.82
CA GLU B 61 17.68 27.30 -20.10
C GLU B 61 16.50 27.41 -21.06
N ILE B 62 15.37 26.81 -20.67
CA ILE B 62 14.25 26.62 -21.58
C ILE B 62 12.96 26.94 -20.83
N LEU B 63 12.22 27.93 -21.31
CA LEU B 63 10.93 28.30 -20.75
C LEU B 63 11.05 28.59 -19.25
N GLY B 64 12.12 29.31 -18.90
CA GLY B 64 12.39 29.69 -17.52
C GLY B 64 13.00 28.61 -16.67
N LEU B 65 13.27 27.43 -17.23
CA LEU B 65 13.76 26.28 -16.48
C LEU B 65 15.14 25.90 -16.97
N ASN B 66 16.00 25.48 -16.04
CA ASN B 66 17.35 25.04 -16.35
C ASN B 66 17.37 23.52 -16.48
N PHE B 67 17.70 23.03 -17.67
CA PHE B 67 17.84 21.61 -17.91
C PHE B 67 19.33 21.27 -17.97
N PRO B 68 19.88 20.54 -17.01
CA PRO B 68 21.32 20.24 -17.07
C PRO B 68 21.71 19.47 -18.30
N ASN B 69 20.81 18.64 -18.81
CA ASN B 69 21.01 17.94 -20.07
C ASN B 69 19.64 17.70 -20.68
N PRO B 70 19.55 17.44 -21.98
CA PRO B 70 18.24 17.39 -22.63
C PRO B 70 17.52 16.05 -22.55
N LEU B 71 18.07 15.07 -21.85
CA LEU B 71 17.56 13.69 -21.88
C LEU B 71 16.62 13.46 -20.71
N GLY B 72 15.31 13.35 -20.99
CA GLY B 72 14.32 13.16 -19.95
C GLY B 72 13.77 11.74 -19.86
N LEU B 73 13.20 11.43 -18.70
CA LEU B 73 12.46 10.20 -18.50
C LEU B 73 11.01 10.42 -18.88
N ALA B 74 10.54 9.74 -19.93
CA ALA B 74 9.18 9.88 -20.45
C ALA B 74 8.14 9.45 -19.42
N ALA B 75 6.91 9.93 -19.61
CA ALA B 75 5.79 9.61 -18.74
C ALA B 75 5.46 8.12 -18.75
N GLY B 76 4.83 7.67 -17.65
CA GLY B 76 4.45 6.29 -17.47
C GLY B 76 5.44 5.43 -16.73
N PHE B 77 6.66 5.89 -16.49
CA PHE B 77 7.56 5.07 -15.68
C PHE B 77 7.31 5.30 -14.19
N ASP B 78 7.34 6.54 -13.75
CA ASP B 78 7.00 6.91 -12.37
C ASP B 78 5.63 7.57 -12.43
N LYS B 79 4.60 6.74 -12.38
CA LYS B 79 3.26 7.26 -12.56
C LYS B 79 2.83 8.11 -11.37
N ASN B 80 3.34 7.82 -10.16
CA ASN B 80 2.83 8.41 -8.93
C ASN B 80 3.83 9.34 -8.26
N ALA B 81 4.87 9.77 -8.97
CA ALA B 81 5.87 10.71 -8.44
C ALA B 81 6.47 10.21 -7.13
N SER B 82 6.78 8.92 -7.09
CA SER B 82 7.25 8.28 -5.87
C SER B 82 8.70 7.79 -5.94
N MET B 83 9.38 7.95 -7.06
CA MET B 83 10.77 7.52 -7.17
C MET B 83 11.63 8.60 -7.85
N LEU B 84 11.16 9.84 -7.81
CA LEU B 84 11.82 10.91 -8.57
C LEU B 84 13.27 11.08 -8.15
N ARG B 85 13.53 11.03 -6.83
CA ARG B 85 14.88 11.25 -6.35
C ARG B 85 15.83 10.16 -6.85
N ALA B 86 15.43 8.90 -6.73
CA ALA B 86 16.29 7.83 -7.23
C ALA B 86 16.45 7.93 -8.75
N LEU B 87 15.38 8.28 -9.46
CA LEU B 87 15.46 8.32 -10.91
C LEU B 87 16.41 9.41 -11.39
N ILE B 88 16.41 10.56 -10.71
CA ILE B 88 17.32 11.64 -11.08
C ILE B 88 18.76 11.19 -10.93
N ALA B 89 19.03 10.36 -9.94
CA ALA B 89 20.40 9.94 -9.66
C ALA B 89 21.01 9.14 -10.79
N PHE B 90 20.17 8.55 -11.65
CA PHE B 90 20.69 7.81 -12.80
C PHE B 90 21.06 8.72 -13.97
N GLY B 91 20.89 10.04 -13.84
CA GLY B 91 21.47 10.99 -14.78
C GLY B 91 20.49 11.74 -15.68
N PHE B 92 19.18 11.55 -15.54
CA PHE B 92 18.27 12.23 -16.42
C PHE B 92 18.37 13.73 -16.24
N GLY B 93 18.31 14.48 -17.35
CA GLY B 93 18.25 15.92 -17.30
C GLY B 93 16.96 16.46 -16.73
N TYR B 94 15.92 15.64 -16.68
CA TYR B 94 14.63 15.96 -16.10
C TYR B 94 13.78 14.70 -16.16
N LEU B 95 12.65 14.73 -15.45
CA LEU B 95 11.71 13.63 -15.42
C LEU B 95 10.32 14.18 -15.67
N GLU B 96 9.48 13.36 -16.31
CA GLU B 96 8.05 13.62 -16.42
C GLU B 96 7.33 12.51 -15.67
N ALA B 97 6.61 12.87 -14.63
CA ALA B 97 5.80 11.93 -13.87
C ALA B 97 4.37 11.88 -14.44
N GLY B 98 3.64 10.85 -14.06
CA GLY B 98 2.32 10.61 -14.60
C GLY B 98 2.30 9.43 -15.56
N THR B 99 1.15 9.25 -16.20
CA THR B 99 -0.03 10.09 -16.11
C THR B 99 -0.77 9.97 -14.77
N LEU B 100 -1.07 11.11 -14.18
CA LEU B 100 -1.98 11.19 -13.05
C LEU B 100 -3.36 11.65 -13.53
N THR B 101 -4.39 11.06 -12.94
CA THR B 101 -5.77 11.49 -13.13
C THR B 101 -6.29 12.09 -11.83
N ASN B 102 -7.41 12.81 -11.93
CA ASN B 102 -7.94 13.50 -10.76
C ASN B 102 -8.24 12.52 -9.62
N GLU B 103 -8.95 11.44 -9.93
CA GLU B 103 -9.11 10.34 -9.00
C GLU B 103 -8.18 9.19 -9.39
N ALA B 104 -7.95 8.31 -8.42
CA ALA B 104 -7.24 7.06 -8.66
C ALA B 104 -8.06 6.16 -9.58
N GLN B 105 -7.37 5.31 -10.34
CA GLN B 105 -8.08 4.38 -11.20
C GLN B 105 -7.17 3.20 -11.55
N VAL B 106 -7.80 2.06 -11.80
CA VAL B 106 -7.07 0.79 -11.90
C VAL B 106 -6.31 0.65 -13.21
N GLY B 107 -6.79 1.26 -14.28
CA GLY B 107 -6.26 0.98 -15.60
C GLY B 107 -6.87 -0.28 -16.20
N ASN B 108 -6.49 -0.54 -17.45
CA ASN B 108 -6.98 -1.70 -18.18
C ASN B 108 -6.53 -3.00 -17.50
N GLU B 109 -7.13 -4.10 -17.95
CA GLU B 109 -6.91 -5.38 -17.30
C GLU B 109 -5.57 -5.99 -17.68
N ARG B 110 -4.95 -6.66 -16.72
CA ARG B 110 -3.69 -7.35 -16.96
C ARG B 110 -3.98 -8.72 -17.58
N PRO B 111 -3.12 -9.21 -18.49
CA PRO B 111 -1.86 -8.64 -19.00
C PRO B 111 -2.04 -7.44 -19.92
N ARG B 112 -1.31 -6.37 -19.63
CA ARG B 112 -1.40 -5.16 -20.42
C ARG B 112 -0.03 -4.63 -20.84
N LEU B 113 1.05 -5.37 -20.55
CA LEU B 113 2.41 -4.95 -20.85
C LEU B 113 3.19 -6.12 -21.44
N PHE B 114 3.88 -5.89 -22.55
CA PHE B 114 4.54 -6.96 -23.28
C PHE B 114 5.91 -6.52 -23.77
N ARG B 115 6.85 -7.47 -23.83
CA ARG B 115 8.18 -7.21 -24.36
C ARG B 115 8.37 -7.85 -25.72
N HIS B 116 9.03 -7.13 -26.62
CA HIS B 116 9.54 -7.73 -27.85
C HIS B 116 11.05 -7.54 -27.81
N ILE B 117 11.72 -8.54 -27.23
CA ILE B 117 13.07 -8.37 -26.73
C ILE B 117 14.08 -8.22 -27.85
N GLU B 118 13.96 -9.02 -28.90
CA GLU B 118 14.87 -8.91 -30.04
C GLU B 118 14.77 -7.53 -30.69
N GLU B 119 13.57 -6.99 -30.78
CA GLU B 119 13.33 -5.69 -31.38
C GLU B 119 13.56 -4.55 -30.40
N GLU B 120 14.06 -4.85 -29.21
CA GLU B 120 14.24 -3.87 -28.14
C GLU B 120 13.02 -2.96 -28.04
N SER B 121 11.85 -3.59 -27.99
CA SER B 121 10.61 -2.85 -28.06
C SER B 121 9.65 -3.32 -26.96
N LEU B 122 8.67 -2.47 -26.68
CA LEU B 122 7.60 -2.74 -25.74
C LEU B 122 6.25 -2.49 -26.40
N GLN B 123 5.23 -3.10 -25.82
CA GLN B 123 3.86 -2.96 -26.30
C GLN B 123 2.98 -2.96 -25.07
N ASN B 124 2.17 -1.92 -24.92
CA ASN B 124 1.37 -1.80 -23.71
C ASN B 124 -0.01 -1.25 -24.04
N ALA B 125 -0.97 -1.63 -23.19
CA ALA B 125 -2.32 -1.10 -23.21
C ALA B 125 -2.77 -0.92 -21.76
N MET B 126 -1.97 -0.17 -21.00
CA MET B 126 -2.17 -0.14 -19.56
C MET B 126 -3.29 0.80 -19.12
N GLY B 127 -3.55 1.87 -19.86
CA GLY B 127 -4.68 2.72 -19.53
C GLY B 127 -4.56 3.54 -18.27
N PHE B 128 -3.41 4.16 -18.01
CA PHE B 128 -3.28 5.17 -16.96
C PHE B 128 -3.65 4.62 -15.58
N ASN B 129 -3.01 3.53 -15.19
CA ASN B 129 -3.09 3.06 -13.80
C ASN B 129 -2.33 4.02 -12.90
N ASN B 130 -3.02 4.64 -11.94
CA ASN B 130 -2.36 5.60 -11.06
C ASN B 130 -3.17 5.72 -9.79
N TYR B 131 -2.56 6.32 -8.77
CA TYR B 131 -3.14 6.47 -7.44
C TYR B 131 -3.76 7.84 -7.21
N GLY B 132 -4.12 8.55 -8.26
CA GLY B 132 -4.82 9.81 -8.12
C GLY B 132 -3.88 10.98 -7.90
N ALA B 133 -4.39 12.18 -8.20
CA ALA B 133 -3.58 13.38 -8.07
C ALA B 133 -3.33 13.78 -6.62
N VAL B 134 -4.17 13.35 -5.67
CA VAL B 134 -3.93 13.71 -4.27
C VAL B 134 -2.69 12.98 -3.77
N LEU B 135 -2.72 11.65 -3.75
CA LEU B 135 -1.54 10.88 -3.35
C LEU B 135 -0.32 11.29 -4.16
N GLY B 136 -0.51 11.55 -5.46
CA GLY B 136 0.61 11.95 -6.30
C GLY B 136 1.27 13.23 -5.83
N ALA B 137 0.46 14.24 -5.47
CA ALA B 137 1.04 15.48 -4.96
C ALA B 137 1.75 15.25 -3.64
N ARG B 138 1.20 14.38 -2.79
CA ARG B 138 1.88 14.04 -1.53
C ARG B 138 3.25 13.42 -1.80
N SER B 139 3.33 12.49 -2.74
CA SER B 139 4.61 11.84 -3.03
C SER B 139 5.64 12.84 -3.57
N PHE B 140 5.19 13.76 -4.42
CA PHE B 140 6.11 14.76 -4.97
C PHE B 140 6.70 15.60 -3.85
N ASN B 141 5.84 16.22 -3.04
CA ASN B 141 6.30 17.12 -1.99
C ASN B 141 7.10 16.40 -0.91
N ARG B 142 6.98 15.08 -0.81
CA ARG B 142 7.71 14.35 0.22
C ARG B 142 9.23 14.48 0.05
N PHE B 143 9.72 14.60 -1.19
CA PHE B 143 11.16 14.70 -1.41
C PHE B 143 11.56 15.94 -2.19
N ALA B 144 10.67 16.92 -2.33
CA ALA B 144 11.02 18.16 -2.99
C ALA B 144 11.92 19.00 -2.09
N PRO B 145 12.76 19.88 -2.67
CA PRO B 145 12.92 20.12 -4.11
C PRO B 145 13.85 19.12 -4.78
N TYR B 146 13.68 18.94 -6.08
CA TYR B 146 14.44 17.99 -6.87
C TYR B 146 15.54 18.70 -7.62
N LYS B 147 16.63 17.99 -7.88
CA LYS B 147 17.76 18.59 -8.58
C LYS B 147 17.49 18.83 -10.08
N THR B 148 16.38 18.37 -10.63
CA THR B 148 16.05 18.62 -12.03
C THR B 148 14.61 19.10 -12.12
N PRO B 149 14.24 19.76 -13.23
CA PRO B 149 12.82 20.01 -13.47
C PRO B 149 12.03 18.71 -13.48
N ILE B 150 10.78 18.80 -13.03
CA ILE B 150 9.86 17.68 -13.02
C ILE B 150 8.58 18.12 -13.70
N GLY B 151 8.21 17.43 -14.78
CA GLY B 151 6.94 17.67 -15.42
C GLY B 151 5.87 16.76 -14.87
N ILE B 152 4.63 17.19 -15.00
CA ILE B 152 3.48 16.43 -14.53
C ILE B 152 2.54 16.21 -15.70
N ASN B 153 2.37 14.96 -16.08
CA ASN B 153 1.52 14.58 -17.19
C ASN B 153 0.14 14.24 -16.65
N LEU B 154 -0.87 14.97 -17.12
CA LEU B 154 -2.21 14.93 -16.57
C LEU B 154 -3.17 14.31 -17.58
N GLY B 155 -4.12 13.52 -17.08
CA GLY B 155 -5.07 12.84 -17.93
C GLY B 155 -6.45 12.86 -17.32
N LYS B 156 -7.41 12.34 -18.07
CA LYS B 156 -8.82 12.29 -17.70
C LYS B 156 -9.15 10.91 -17.15
N ASN B 157 -10.02 10.86 -16.14
CA ASN B 157 -10.41 9.57 -15.63
C ASN B 157 -11.22 8.83 -16.68
N LYS B 158 -10.97 7.52 -16.80
CA LYS B 158 -11.52 6.70 -17.88
C LYS B 158 -13.02 6.94 -18.07
N HIS B 159 -13.77 6.90 -16.98
CA HIS B 159 -15.23 6.90 -17.07
C HIS B 159 -15.82 8.28 -17.30
N ILE B 160 -15.00 9.35 -17.31
CA ILE B 160 -15.53 10.69 -17.54
C ILE B 160 -15.93 10.81 -19.00
N GLU B 161 -17.21 11.05 -19.25
CA GLU B 161 -17.70 11.12 -20.62
C GLU B 161 -17.30 12.44 -21.25
N GLN B 162 -17.33 12.47 -22.59
CA GLN B 162 -16.72 13.55 -23.35
C GLN B 162 -17.30 14.92 -22.99
N ALA B 163 -18.59 14.96 -22.67
CA ALA B 163 -19.25 16.23 -22.34
C ALA B 163 -18.71 16.86 -21.05
N HIS B 164 -17.88 16.16 -20.28
CA HIS B 164 -17.37 16.66 -19.01
C HIS B 164 -15.86 16.60 -18.92
N ALA B 165 -15.16 16.26 -20.00
CA ALA B 165 -13.72 16.04 -19.91
C ALA B 165 -12.98 17.32 -19.53
N LEU B 166 -13.44 18.47 -20.03
CA LEU B 166 -12.78 19.73 -19.69
C LEU B 166 -12.84 20.00 -18.21
N GLU B 167 -13.98 19.67 -17.57
CA GLU B 167 -14.10 19.87 -16.13
C GLU B 167 -13.12 18.99 -15.38
N ASP B 168 -12.80 17.83 -15.93
CA ASP B 168 -11.89 16.89 -15.28
C ASP B 168 -10.44 17.34 -15.41
N TYR B 169 -10.05 17.86 -16.58
CA TYR B 169 -8.70 18.38 -16.72
C TYR B 169 -8.46 19.54 -15.75
N LYS B 170 -9.47 20.40 -15.56
CA LYS B 170 -9.34 21.44 -14.55
C LYS B 170 -9.16 20.83 -13.16
N ALA B 171 -9.94 19.81 -12.84
CA ALA B 171 -9.89 19.22 -11.50
C ALA B 171 -8.50 18.66 -11.21
N VAL B 172 -7.92 17.92 -12.15
CA VAL B 172 -6.62 17.32 -11.89
C VAL B 172 -5.52 18.37 -11.91
N LEU B 173 -5.60 19.34 -12.82
CA LEU B 173 -4.62 20.42 -12.82
C LEU B 173 -4.68 21.21 -11.53
N ASN B 174 -5.89 21.42 -11.00
CA ASN B 174 -6.04 22.14 -9.74
C ASN B 174 -5.33 21.42 -8.60
N GLN B 175 -5.36 20.08 -8.61
CA GLN B 175 -4.72 19.27 -7.59
C GLN B 175 -3.20 19.28 -7.69
N CYS B 176 -2.65 19.79 -8.78
CA CYS B 176 -1.22 19.71 -9.06
C CYS B 176 -0.63 21.09 -9.28
N LEU B 177 -1.31 22.13 -8.78
CA LEU B 177 -0.87 23.50 -9.02
C LEU B 177 0.45 23.82 -8.34
N ASN B 178 0.70 23.24 -7.16
CA ASN B 178 1.89 23.56 -6.39
C ASN B 178 3.01 22.54 -6.58
N ILE B 179 2.92 21.68 -7.60
CA ILE B 179 3.95 20.68 -7.84
C ILE B 179 4.40 20.78 -9.28
N GLY B 180 5.63 20.33 -9.53
CA GLY B 180 6.16 20.29 -10.88
C GLY B 180 6.62 21.65 -11.38
N ASP B 181 7.36 21.59 -12.48
CA ASP B 181 7.84 22.78 -13.17
C ASP B 181 7.14 23.01 -14.50
N TYR B 182 6.52 21.98 -15.08
CA TYR B 182 5.66 22.09 -16.24
C TYR B 182 4.62 20.99 -16.19
N TYR B 183 3.57 21.17 -16.99
CA TYR B 183 2.51 20.18 -17.16
C TYR B 183 2.44 19.72 -18.60
N THR B 184 2.04 18.46 -18.77
CA THR B 184 1.78 17.84 -20.06
C THR B 184 0.33 17.36 -20.08
N PHE B 185 -0.36 17.63 -21.18
CA PHE B 185 -1.71 17.10 -21.42
C PHE B 185 -1.65 16.05 -22.52
N ASN B 186 -2.11 14.85 -22.20
CA ASN B 186 -2.08 13.72 -23.13
C ASN B 186 -3.26 13.79 -24.09
N LEU B 187 -3.01 14.24 -25.31
CA LEU B 187 -4.03 14.32 -26.37
C LEU B 187 -4.72 12.99 -26.63
N GLN B 199 -10.45 14.43 -29.25
CA GLN B 199 -9.26 15.08 -29.77
C GLN B 199 -9.61 16.04 -30.89
N ASN B 200 -10.79 16.65 -30.77
CA ASN B 200 -11.27 17.60 -31.76
C ASN B 200 -10.30 18.77 -31.91
N LYS B 201 -10.45 19.51 -33.02
CA LYS B 201 -9.65 20.70 -33.22
C LYS B 201 -10.00 21.78 -32.21
N ALA B 202 -11.25 21.78 -31.71
CA ALA B 202 -11.73 22.83 -30.84
C ALA B 202 -11.48 22.54 -29.36
N PHE B 203 -11.44 21.26 -28.97
CA PHE B 203 -11.24 20.94 -27.56
C PHE B 203 -9.82 21.29 -27.09
N VAL B 204 -8.83 21.09 -27.95
CA VAL B 204 -7.47 21.51 -27.61
C VAL B 204 -7.44 23.00 -27.30
N ASN B 205 -8.19 23.80 -28.05
CA ASN B 205 -8.25 25.23 -27.80
C ASN B 205 -8.87 25.52 -26.44
N GLU B 206 -9.98 24.85 -26.12
CA GLU B 206 -10.58 25.01 -24.80
C GLU B 206 -9.62 24.52 -23.71
N LEU B 207 -8.88 23.45 -23.98
CA LEU B 207 -7.99 22.89 -22.97
C LEU B 207 -6.90 23.88 -22.58
N PHE B 208 -6.17 24.40 -23.57
CA PHE B 208 -5.00 25.18 -23.22
C PHE B 208 -5.35 26.63 -22.85
N CYS B 209 -6.44 27.17 -23.42
CA CYS B 209 -6.98 28.41 -22.88
C CYS B 209 -7.31 28.28 -21.40
N MET B 210 -7.94 27.17 -21.00
CA MET B 210 -8.30 26.99 -19.60
C MET B 210 -7.06 26.88 -18.73
N ALA B 211 -6.00 26.21 -19.21
CA ALA B 211 -4.80 26.02 -18.41
C ALA B 211 -4.03 27.34 -18.25
N LYS B 212 -3.93 28.13 -19.33
CA LYS B 212 -3.21 29.40 -19.26
C LYS B 212 -3.81 30.34 -18.22
N GLU B 213 -5.10 30.20 -17.95
CA GLU B 213 -5.78 30.99 -16.92
C GLU B 213 -5.75 30.34 -15.54
N MET B 214 -4.96 29.27 -15.37
CA MET B 214 -4.80 28.63 -14.07
C MET B 214 -3.36 28.51 -13.62
N THR B 215 -2.39 28.55 -14.54
CA THR B 215 -0.99 28.37 -14.18
C THR B 215 -0.11 29.16 -15.13
N HIS B 216 1.01 29.63 -14.61
CA HIS B 216 2.06 30.28 -15.38
C HIS B 216 3.08 29.29 -15.93
N LYS B 217 3.05 28.05 -15.44
CA LYS B 217 4.07 27.08 -15.80
C LYS B 217 3.91 26.66 -17.25
N PRO B 218 5.01 26.26 -17.90
CA PRO B 218 4.92 25.86 -19.30
C PRO B 218 3.94 24.69 -19.45
N LEU B 219 3.22 24.68 -20.56
CA LEU B 219 2.22 23.67 -20.85
C LEU B 219 2.59 22.97 -22.14
N PHE B 220 2.63 21.63 -22.09
CA PHE B 220 2.92 20.82 -23.26
C PHE B 220 1.69 20.02 -23.68
N LEU B 221 1.52 19.90 -25.00
CA LEU B 221 0.62 18.93 -25.62
C LEU B 221 1.43 17.73 -26.09
N LYS B 222 1.04 16.53 -25.65
CA LYS B 222 1.71 15.30 -26.08
C LYS B 222 0.82 14.58 -27.09
N ILE B 223 1.36 14.29 -28.27
CA ILE B 223 0.57 13.73 -29.37
C ILE B 223 1.01 12.30 -29.66
N ALA B 224 0.10 11.56 -30.28
CA ALA B 224 0.34 10.20 -30.76
C ALA B 224 1.02 10.26 -32.13
N PRO B 225 1.59 9.15 -32.61
CA PRO B 225 2.25 9.16 -33.92
C PRO B 225 1.37 8.71 -35.08
N ASP B 226 0.06 8.50 -34.86
CA ASP B 226 -0.81 7.86 -35.84
C ASP B 226 -1.87 8.80 -36.38
N LEU B 227 -1.60 10.11 -36.38
CA LEU B 227 -2.50 11.09 -36.97
C LEU B 227 -2.09 11.38 -38.41
N GLU B 228 -3.08 11.75 -39.23
CA GLU B 228 -2.76 12.26 -40.55
C GLU B 228 -2.00 13.57 -40.41
N ILE B 229 -1.05 13.79 -41.30
CA ILE B 229 -0.19 14.97 -41.23
C ILE B 229 -1.02 16.25 -41.18
N ASP B 230 -1.98 16.39 -42.08
CA ASP B 230 -2.82 17.59 -42.09
C ASP B 230 -3.57 17.75 -40.77
N ASP B 231 -4.07 16.64 -40.22
CA ASP B 231 -4.86 16.70 -39.00
C ASP B 231 -3.96 17.00 -37.79
N MET B 232 -2.78 16.40 -37.74
CA MET B 232 -1.82 16.71 -36.68
C MET B 232 -1.48 18.21 -36.68
N LEU B 233 -1.13 18.76 -37.84
CA LEU B 233 -0.74 20.16 -37.90
C LEU B 233 -1.87 21.05 -37.43
N GLU B 234 -3.11 20.67 -37.72
CA GLU B 234 -4.26 21.48 -37.32
C GLU B 234 -4.49 21.41 -35.82
N ILE B 235 -4.35 20.22 -35.23
CA ILE B 235 -4.49 20.06 -33.79
C ILE B 235 -3.38 20.82 -33.06
N VAL B 236 -2.13 20.59 -33.47
CA VAL B 236 -1.01 21.26 -32.83
C VAL B 236 -1.12 22.77 -32.97
N ASN B 237 -1.49 23.25 -34.16
CA ASN B 237 -1.60 24.67 -34.39
C ASN B 237 -2.63 25.31 -33.46
N SER B 238 -3.74 24.62 -33.24
CA SER B 238 -4.75 25.10 -32.31
C SER B 238 -4.17 25.19 -30.89
N ALA B 239 -3.43 24.17 -30.47
CA ALA B 239 -2.83 24.18 -29.13
C ALA B 239 -1.89 25.36 -28.95
N ILE B 240 -0.96 25.53 -29.89
CA ILE B 240 -0.05 26.68 -29.82
C ILE B 240 -0.83 27.99 -29.83
N GLU B 241 -1.86 28.09 -30.67
CA GLU B 241 -2.65 29.33 -30.69
C GLU B 241 -3.31 29.60 -29.35
N ALA B 242 -3.70 28.56 -28.63
CA ALA B 242 -4.39 28.72 -27.35
C ALA B 242 -3.46 28.89 -26.17
N GLY B 243 -2.14 28.79 -26.36
CA GLY B 243 -1.19 29.08 -25.30
C GLY B 243 -0.19 28.00 -24.95
N ALA B 244 -0.18 26.88 -25.67
CA ALA B 244 0.80 25.83 -25.40
C ALA B 244 2.22 26.31 -25.68
N HIS B 245 3.16 25.94 -24.81
CA HIS B 245 4.54 26.35 -24.95
C HIS B 245 5.38 25.32 -25.69
N GLY B 246 4.91 24.08 -25.74
CA GLY B 246 5.71 23.05 -26.37
C GLY B 246 4.84 21.90 -26.82
N ILE B 247 5.42 21.08 -27.69
CA ILE B 247 4.79 19.87 -28.17
C ILE B 247 5.73 18.70 -27.87
N ILE B 248 5.18 17.65 -27.30
CA ILE B 248 5.89 16.40 -27.07
C ILE B 248 5.39 15.39 -28.10
N ALA B 249 6.31 14.83 -28.89
CA ALA B 249 5.97 13.86 -29.92
C ALA B 249 7.05 12.78 -29.95
N THR B 250 6.67 11.52 -29.73
CA THR B 250 5.29 11.01 -29.66
C THR B 250 5.03 9.95 -28.56
N ASN B 251 3.76 9.60 -28.40
CA ASN B 251 3.37 8.42 -27.62
C ASN B 251 3.52 7.17 -28.51
N THR B 252 2.96 6.04 -28.07
CA THR B 252 3.14 4.76 -28.75
C THR B 252 2.30 4.68 -30.04
N THR B 253 2.65 3.74 -30.90
CA THR B 253 2.01 3.61 -32.22
C THR B 253 1.13 2.37 -32.28
N ILE B 254 -0.10 2.54 -32.75
CA ILE B 254 -1.00 1.42 -32.99
C ILE B 254 -1.05 1.05 -34.48
N ASP B 255 0.00 1.37 -35.24
CA ASP B 255 -0.03 1.26 -36.70
C ASP B 255 0.66 0.01 -37.22
N LYS B 256 1.90 -0.27 -36.76
CA LYS B 256 2.75 -1.27 -37.41
C LYS B 256 2.12 -2.65 -37.35
N SER B 257 1.85 -3.21 -38.53
CA SER B 257 1.21 -4.53 -38.64
C SER B 257 2.26 -5.63 -38.59
N LEU B 258 2.86 -5.78 -37.41
CA LEU B 258 3.80 -6.86 -37.13
C LEU B 258 3.05 -8.07 -36.60
N VAL B 259 3.41 -9.25 -37.12
CA VAL B 259 2.70 -10.48 -36.74
C VAL B 259 2.80 -10.71 -35.24
N PHE B 260 3.99 -10.55 -34.67
CA PHE B 260 4.22 -10.87 -33.26
C PHE B 260 3.66 -9.82 -32.31
N ALA B 261 3.09 -8.73 -32.80
CA ALA B 261 2.53 -7.67 -31.97
C ALA B 261 1.14 -7.26 -32.46
N PRO B 262 0.13 -8.12 -32.31
CA PRO B 262 -1.24 -7.74 -32.70
C PRO B 262 -1.71 -6.47 -31.98
N LYS B 263 -2.78 -5.89 -32.53
CA LYS B 263 -3.25 -4.59 -32.04
C LYS B 263 -3.87 -4.70 -30.66
N GLU B 264 -4.42 -5.85 -30.31
CA GLU B 264 -5.10 -6.01 -29.03
C GLU B 264 -4.15 -5.91 -27.85
N MET B 265 -2.85 -5.92 -28.09
CA MET B 265 -1.87 -5.84 -27.03
C MET B 265 -1.33 -4.42 -26.82
N GLY B 266 -1.79 -3.45 -27.61
CA GLY B 266 -1.53 -2.05 -27.35
C GLY B 266 -0.48 -1.43 -28.26
N GLY B 267 -0.07 -0.23 -27.91
CA GLY B 267 0.84 0.52 -28.76
C GLY B 267 2.29 0.11 -28.61
N LEU B 268 3.04 0.23 -29.70
CA LEU B 268 4.45 -0.15 -29.74
C LEU B 268 5.35 1.02 -29.35
N SER B 269 6.31 0.74 -28.48
CA SER B 269 7.34 1.67 -28.08
C SER B 269 8.71 1.05 -28.36
N GLY B 270 9.77 1.88 -28.25
CA GLY B 270 11.12 1.40 -28.45
C GLY B 270 11.56 1.42 -29.90
N LYS B 271 12.49 0.54 -30.28
CA LYS B 271 13.16 0.66 -31.58
C LYS B 271 12.19 0.48 -32.74
N CYS B 272 11.09 -0.25 -32.54
CA CYS B 272 10.04 -0.40 -33.54
C CYS B 272 9.26 0.90 -33.78
N LEU B 273 9.42 1.90 -32.92
CA LEU B 273 8.77 3.19 -33.06
C LEU B 273 9.70 4.27 -33.61
N THR B 274 11.02 3.98 -33.66
CA THR B 274 12.03 4.96 -34.07
C THR B 274 11.68 5.66 -35.37
N LYS B 275 11.44 4.90 -36.43
CA LYS B 275 11.25 5.48 -37.75
C LYS B 275 9.98 6.31 -37.81
N LYS B 276 8.91 5.84 -37.18
CA LYS B 276 7.66 6.58 -37.23
C LYS B 276 7.76 7.86 -36.44
N SER B 277 8.27 7.79 -35.21
CA SER B 277 8.47 9.01 -34.41
C SER B 277 9.36 10.00 -35.12
N ARG B 278 10.43 9.53 -35.75
CA ARG B 278 11.29 10.41 -36.55
C ARG B 278 10.51 11.05 -37.70
N GLU B 279 9.69 10.28 -38.40
CA GLU B 279 8.86 10.82 -39.48
C GLU B 279 7.95 11.93 -38.96
N VAL B 280 7.26 11.67 -37.85
CA VAL B 280 6.35 12.68 -37.32
C VAL B 280 7.10 13.92 -36.88
N PHE B 281 8.23 13.75 -36.17
CA PHE B 281 8.91 14.92 -35.65
C PHE B 281 9.40 15.83 -36.78
N LYS B 282 9.76 15.27 -37.94
CA LYS B 282 10.25 16.09 -39.04
C LYS B 282 9.17 17.01 -39.58
N GLU B 283 7.95 16.48 -39.72
CA GLU B 283 6.82 17.33 -40.08
C GLU B 283 6.56 18.38 -39.00
N LEU B 284 6.48 17.94 -37.74
CA LEU B 284 6.22 18.88 -36.65
C LEU B 284 7.22 20.03 -36.65
N ALA B 285 8.51 19.73 -36.81
CA ALA B 285 9.53 20.75 -36.78
C ALA B 285 9.37 21.72 -37.95
N LYS B 286 9.13 21.20 -39.15
CA LYS B 286 9.04 22.06 -40.33
C LYS B 286 7.97 23.13 -40.16
N ALA B 287 6.92 22.84 -39.40
CA ALA B 287 5.81 23.78 -39.23
C ALA B 287 5.88 24.61 -37.96
N PHE B 288 6.51 24.13 -36.89
CA PHE B 288 6.36 24.78 -35.59
C PHE B 288 7.66 25.06 -34.84
N PHE B 289 8.82 24.80 -35.44
CA PHE B 289 10.07 25.00 -34.72
C PHE B 289 10.27 26.47 -34.34
N ASN B 290 9.83 27.39 -35.20
CA ASN B 290 9.93 28.80 -34.86
C ASN B 290 8.86 29.25 -33.87
N LYS B 291 7.89 28.40 -33.55
CA LYS B 291 6.72 28.87 -32.83
C LYS B 291 6.53 28.18 -31.49
N SER B 292 7.37 27.23 -31.14
CA SER B 292 7.09 26.38 -29.99
C SER B 292 8.36 25.62 -29.62
N VAL B 293 8.39 25.11 -28.39
CA VAL B 293 9.45 24.22 -27.93
C VAL B 293 9.07 22.79 -28.27
N LEU B 294 9.89 22.10 -29.06
CA LEU B 294 9.55 20.76 -29.52
C LEU B 294 10.33 19.72 -28.73
N VAL B 295 9.64 18.65 -28.31
CA VAL B 295 10.19 17.56 -27.51
C VAL B 295 10.00 16.26 -28.27
N SER B 296 11.11 15.54 -28.53
CA SER B 296 11.09 14.33 -29.35
C SER B 296 11.14 13.09 -28.46
N VAL B 297 10.18 12.20 -28.63
CA VAL B 297 10.09 10.98 -27.83
C VAL B 297 9.72 9.83 -28.75
N GLY B 298 10.33 8.66 -28.51
CA GLY B 298 9.92 7.48 -29.21
C GLY B 298 11.03 6.80 -29.99
N GLY B 299 11.52 5.67 -29.48
CA GLY B 299 12.57 4.94 -30.17
C GLY B 299 13.96 5.52 -30.07
N ILE B 300 14.21 6.42 -29.13
CA ILE B 300 15.56 6.97 -28.95
C ILE B 300 16.36 6.03 -28.06
N SER B 301 17.43 5.44 -28.60
CA SER B 301 18.19 4.41 -27.91
C SER B 301 19.66 4.71 -27.74
N ASP B 302 20.20 5.73 -28.41
CA ASP B 302 21.62 6.00 -28.32
C ASP B 302 21.87 7.45 -28.72
N ALA B 303 23.14 7.83 -28.69
CA ALA B 303 23.52 9.23 -28.85
C ALA B 303 23.27 9.70 -30.28
N LYS B 304 23.57 8.87 -31.28
CA LYS B 304 23.41 9.28 -32.66
C LYS B 304 21.95 9.58 -32.99
N GLU B 305 21.04 8.77 -32.46
CA GLU B 305 19.61 9.04 -32.64
C GLU B 305 19.19 10.30 -31.89
N ALA B 306 19.60 10.42 -30.61
CA ALA B 306 19.32 11.61 -29.83
C ALA B 306 19.89 12.85 -30.50
N TYR B 307 21.10 12.73 -31.05
CA TYR B 307 21.72 13.88 -31.72
C TYR B 307 20.93 14.27 -32.97
N GLU B 308 20.41 13.30 -33.70
CA GLU B 308 19.64 13.61 -34.90
C GLU B 308 18.31 14.28 -34.55
N ARG B 309 17.66 13.86 -33.46
CA ARG B 309 16.44 14.55 -33.03
C ARG B 309 16.73 16.00 -32.68
N ILE B 310 17.85 16.26 -32.03
CA ILE B 310 18.23 17.62 -31.66
C ILE B 310 18.46 18.47 -32.91
N LYS B 311 19.19 17.95 -33.89
CA LYS B 311 19.40 18.72 -35.11
C LYS B 311 18.10 18.91 -35.89
N MET B 312 17.17 17.95 -35.81
CA MET B 312 15.86 18.12 -36.46
C MET B 312 15.07 19.28 -35.85
N GLY B 313 15.34 19.65 -34.60
CA GLY B 313 14.59 20.72 -33.97
C GLY B 313 14.16 20.43 -32.55
N ALA B 314 14.48 19.25 -32.02
CA ALA B 314 14.15 18.93 -30.64
C ALA B 314 15.06 19.70 -29.69
N SER B 315 14.48 20.49 -28.80
CA SER B 315 15.25 21.08 -27.71
C SER B 315 15.41 20.09 -26.55
N LEU B 316 14.54 19.10 -26.45
CA LEU B 316 14.62 18.11 -25.37
C LEU B 316 14.15 16.77 -25.91
N LEU B 317 14.59 15.72 -25.22
CA LEU B 317 14.26 14.34 -25.54
C LEU B 317 13.61 13.68 -24.35
N GLN B 318 12.88 12.59 -24.60
CA GLN B 318 12.47 11.70 -23.53
C GLN B 318 12.64 10.25 -23.97
N ILE B 319 12.81 9.37 -22.99
CA ILE B 319 13.01 7.95 -23.21
C ILE B 319 12.21 7.17 -22.18
N TYR B 320 11.60 6.07 -22.60
CA TYR B 320 11.14 5.04 -21.68
C TYR B 320 11.78 3.70 -21.99
N SER B 321 11.52 3.15 -23.18
CA SER B 321 11.84 1.75 -23.47
C SER B 321 13.34 1.47 -23.39
N ALA B 322 14.18 2.39 -23.88
CA ALA B 322 15.61 2.12 -23.87
C ALA B 322 16.18 2.07 -22.46
N PHE B 323 15.48 2.67 -21.49
CA PHE B 323 15.90 2.56 -20.10
C PHE B 323 15.70 1.14 -19.59
N ILE B 324 14.66 0.46 -20.08
CA ILE B 324 14.45 -0.94 -19.73
C ILE B 324 15.55 -1.81 -20.35
N TYR B 325 15.90 -1.57 -21.62
CA TYR B 325 16.86 -2.42 -22.31
C TYR B 325 18.31 -2.06 -21.99
N ASN B 326 18.61 -0.80 -21.65
CA ASN B 326 19.99 -0.38 -21.45
C ASN B 326 20.39 -0.31 -19.98
N GLY B 327 19.46 0.02 -19.09
CA GLY B 327 19.74 0.03 -17.67
C GLY B 327 20.32 1.34 -17.19
N PRO B 328 20.93 1.31 -16.02
CA PRO B 328 21.37 2.57 -15.40
C PRO B 328 22.44 3.32 -16.18
N ASN B 329 23.27 2.63 -16.98
CA ASN B 329 24.27 3.34 -17.77
C ASN B 329 23.67 4.11 -18.96
N LEU B 330 22.35 4.14 -19.11
CA LEU B 330 21.74 4.74 -20.29
C LEU B 330 22.13 6.21 -20.45
N CYS B 331 21.94 7.01 -19.40
CA CYS B 331 22.15 8.45 -19.56
C CYS B 331 23.62 8.76 -19.74
N GLN B 332 24.47 8.07 -18.99
CA GLN B 332 25.90 8.31 -19.06
C GLN B 332 26.44 8.03 -20.45
N ASN B 333 26.03 6.92 -21.05
CA ASN B 333 26.56 6.52 -22.34
C ASN B 333 26.09 7.46 -23.44
N ILE B 334 24.80 7.79 -23.44
CA ILE B 334 24.25 8.69 -24.45
C ILE B 334 24.87 10.08 -24.34
N LEU B 335 24.95 10.63 -23.13
CA LEU B 335 25.40 12.01 -23.00
C LEU B 335 26.89 12.15 -23.27
N LYS B 336 27.71 11.18 -22.88
CA LYS B 336 29.13 11.26 -23.20
C LYS B 336 29.34 11.24 -24.72
N ASP B 337 28.69 10.30 -25.42
CA ASP B 337 28.82 10.25 -26.87
C ASP B 337 28.18 11.48 -27.51
N LEU B 338 27.10 12.00 -26.91
CA LEU B 338 26.46 13.21 -27.42
C LEU B 338 27.42 14.39 -27.38
N VAL B 339 28.21 14.51 -26.32
CA VAL B 339 29.19 15.59 -26.25
C VAL B 339 30.21 15.44 -27.37
N LYS B 340 30.71 14.22 -27.59
CA LYS B 340 31.67 13.97 -28.66
C LYS B 340 31.13 14.38 -30.03
N LEU B 341 29.86 14.05 -30.30
CA LEU B 341 29.24 14.39 -31.58
C LEU B 341 29.15 15.90 -31.78
N LEU B 342 28.81 16.65 -30.73
CA LEU B 342 28.83 18.10 -30.81
C LEU B 342 30.21 18.60 -31.19
N GLN B 343 31.24 18.03 -30.56
CA GLN B 343 32.60 18.48 -30.81
C GLN B 343 33.02 18.15 -32.23
N LYS B 344 32.71 16.93 -32.71
CA LYS B 344 33.07 16.56 -34.07
C LYS B 344 32.50 17.56 -35.07
N ASP B 345 31.30 18.09 -34.81
CA ASP B 345 30.66 19.04 -35.70
C ASP B 345 30.99 20.49 -35.37
N GLY B 346 31.73 20.75 -34.29
CA GLY B 346 32.11 22.11 -33.98
C GLY B 346 31.03 22.97 -33.35
N PHE B 347 30.04 22.37 -32.71
CA PHE B 347 29.03 23.12 -31.96
C PHE B 347 29.54 23.40 -30.55
N LEU B 348 29.40 24.65 -30.11
CA LEU B 348 29.87 25.00 -28.77
C LEU B 348 29.10 24.27 -27.68
N SER B 349 27.79 24.07 -27.88
CA SER B 349 26.94 23.39 -26.91
C SER B 349 25.72 22.86 -27.65
N VAL B 350 24.86 22.14 -26.92
CA VAL B 350 23.61 21.67 -27.53
C VAL B 350 22.79 22.85 -28.05
N LYS B 351 22.93 24.02 -27.42
CA LYS B 351 22.10 25.15 -27.81
C LYS B 351 22.31 25.52 -29.27
N GLU B 352 23.55 25.38 -29.76
CA GLU B 352 23.86 25.63 -31.16
C GLU B 352 23.57 24.44 -32.08
N ALA B 353 23.18 23.29 -31.55
CA ALA B 353 22.89 22.13 -32.38
C ALA B 353 21.41 21.98 -32.73
N ILE B 354 20.53 22.78 -32.14
CA ILE B 354 19.08 22.57 -32.22
C ILE B 354 18.50 23.10 -33.54
N GLY B 355 19.34 23.50 -34.48
CA GLY B 355 18.87 23.99 -35.77
C GLY B 355 19.03 23.01 -36.92
N ALA B 356 18.18 23.20 -37.95
CA ALA B 356 18.04 22.28 -39.10
C ALA B 356 19.38 21.70 -39.59
N1 FMN C . -12.25 -10.01 16.71
C2 FMN C . -11.55 -8.94 16.20
O2 FMN C . -10.43 -9.11 15.71
N3 FMN C . -12.09 -7.67 16.25
C4 FMN C . -13.35 -7.46 16.78
O4 FMN C . -13.83 -6.32 16.83
C4A FMN C . -14.06 -8.55 17.27
N5 FMN C . -15.31 -8.37 17.82
C5A FMN C . -16.01 -9.44 18.34
C6 FMN C . -17.26 -9.24 18.90
C7 FMN C . -17.97 -10.31 19.43
C7M FMN C . -19.34 -10.05 20.01
C8 FMN C . -17.43 -11.58 19.40
C8M FMN C . -18.19 -12.77 19.95
C9 FMN C . -16.17 -11.78 18.84
C9A FMN C . -15.46 -10.71 18.31
N10 FMN C . -14.19 -10.88 17.76
C10 FMN C . -13.50 -9.81 17.25
C1' FMN C . -13.54 -12.23 17.68
C2' FMN C . -12.87 -12.61 18.98
O2' FMN C . -11.82 -11.70 19.23
C3' FMN C . -12.38 -14.06 18.84
O3' FMN C . -11.58 -14.14 17.69
C4' FMN C . -13.54 -15.07 18.64
O4' FMN C . -14.65 -14.70 19.43
C5' FMN C . -13.15 -16.53 18.94
O5' FMN C . -12.73 -16.64 20.29
P FMN C . -13.68 -17.27 21.42
O1P FMN C . -12.87 -17.38 22.69
O2P FMN C . -14.86 -16.34 21.57
O3P FMN C . -14.17 -18.67 21.03
C1 PGE D . -17.84 -8.93 34.35
O1 PGE D . -17.97 -8.94 35.77
C2 PGE D . -17.32 -10.26 33.86
O2 PGE D . -18.30 -10.93 33.08
C3 PGE D . -18.52 -10.42 31.77
C4 PGE D . -19.86 -10.93 31.26
O4 PGE D . -20.63 -9.10 27.87
C6 PGE D . -21.84 -9.70 28.34
C5 PGE D . -21.58 -10.38 29.68
O3 PGE D . -20.22 -10.25 30.06
N1 FMN E . 2.92 8.02 -21.87
C2 FMN E . 2.09 8.92 -21.22
O2 FMN E . 1.96 10.05 -21.68
N3 FMN E . 1.42 8.54 -20.05
C4 FMN E . 1.60 7.26 -19.55
O4 FMN E . 1.03 6.91 -18.51
C4A FMN E . 2.43 6.36 -20.23
N5 FMN E . 2.60 5.08 -19.76
C5A FMN E . 3.45 4.20 -20.41
C6 FMN E . 3.64 2.92 -19.92
C7 FMN E . 4.49 2.02 -20.57
C7M FMN E . 4.64 0.63 -20.00
C8 FMN E . 5.14 2.42 -21.73
C8M FMN E . 6.06 1.50 -22.49
C9 FMN E . 4.93 3.71 -22.20
C9A FMN E . 4.10 4.60 -21.56
N10 FMN E . 3.93 5.88 -22.04
C10 FMN E . 3.09 6.75 -21.38
C1' FMN E . 4.59 6.32 -23.30
C2' FMN E . 5.98 6.91 -23.13
O2' FMN E . 5.83 8.09 -22.37
C3' FMN E . 6.56 7.19 -24.53
O3' FMN E . 5.80 8.18 -25.21
C4' FMN E . 6.60 5.94 -25.42
O4' FMN E . 6.93 4.77 -24.69
C5' FMN E . 7.59 6.11 -26.57
O5' FMN E . 8.88 6.37 -26.04
P FMN E . 9.96 5.18 -26.06
O1P FMN E . 11.31 5.67 -25.63
O2P FMN E . 9.44 4.15 -25.08
O3P FMN E . 10.10 4.62 -27.46
C1 PGE F . 21.28 6.42 5.00
O1 PGE F . 20.03 6.99 4.69
C2 PGE F . 21.21 4.91 4.90
O2 PGE F . 22.32 4.44 4.12
C3 PGE F . 23.22 3.59 4.82
C4 PGE F . 24.53 3.50 4.04
O4 PGE F . 26.48 -0.33 2.37
C6 PGE F . 25.61 0.77 2.14
C5 PGE F . 26.00 1.92 3.04
O3 PGE F . 24.98 2.15 3.99
#